data_5CGY
#
_entry.id   5CGY
#
_cell.length_a   39.224
_cell.length_b   127.588
_cell.length_c   83.912
_cell.angle_alpha   90.000
_cell.angle_beta   97.700
_cell.angle_gamma   90.000
#
_symmetry.space_group_name_H-M   'P 1 21 1'
#
loop_
_entity.id
_entity.type
_entity.pdbx_description
1 polymer 'Heavy Chain of Fab'
2 polymer 'Light Chain of Fab'
3 water water
#
loop_
_entity_poly.entity_id
_entity_poly.type
_entity_poly.pdbx_seq_one_letter_code
_entity_poly.pdbx_strand_id
1 'polypeptide(L)'
;QVQLVQSGSELKKPGASVKVSCKASGYSFTSYSINWVRQAPGQGPEWMGWIDTNTGNPTYAQDFAGRFVFSLDTSVTTAY
LQISSLKAGDTAVYYCATYYVDLWGSYRQDYYGMDVWGHGTLVTVSSASTKGPSVFPLAPSSKSTSGGTAALGCLVKDYF
PEPVTVSWNSGALTSGVHTFPAVLQSSGLYSLSSVVTVPSSSLGTQTYICNVNHKPSNTKVDKRVEPK
;
H,C
2 'polypeptide(L)'
;ASVVTQPPSVSGTPGQGVTISCSGGSSNIGSNPVNWYQMVPGTAPKLLLYTNNQRPSGVPDRFSGSKSGTSASLAINGLQ
SEDEADYYCAVWDDSLSGRWVFGGGTKVTVLRQPKAAPTVTLFPPSSEELQANKATLVCLISDFYPGAVTVAWKADSSPV
KAGVETTTPSKQSNNKYAASSYLSLTPEQWKSHKSYSCQVTHEGSTVEKTVAP
;
L,D
#
# COMPACT_ATOMS: atom_id res chain seq x y z
N GLN A 1 16.85 10.74 36.36
CA GLN A 1 17.41 10.19 35.13
C GLN A 1 16.57 10.61 33.92
N VAL A 2 17.15 11.42 33.04
CA VAL A 2 16.47 11.87 31.83
C VAL A 2 16.10 10.69 30.93
N GLN A 3 14.83 10.61 30.51
CA GLN A 3 14.39 9.49 29.68
C GLN A 3 13.50 9.93 28.51
N LEU A 4 13.78 9.38 27.33
CA LEU A 4 13.03 9.71 26.12
C LEU A 4 12.55 8.43 25.45
N VAL A 5 11.23 8.23 25.41
CA VAL A 5 10.67 7.02 24.79
C VAL A 5 10.00 7.37 23.47
N GLN A 6 10.52 6.81 22.39
CA GLN A 6 10.00 7.13 21.07
C GLN A 6 9.02 6.07 20.56
N SER A 7 8.10 6.50 19.70
CA SER A 7 7.05 5.63 19.17
C SER A 7 7.59 4.58 18.19
N GLY A 8 6.75 3.61 17.84
CA GLY A 8 7.19 2.46 17.04
C GLY A 8 7.47 2.74 15.58
N SER A 9 8.11 1.77 14.91
CA SER A 9 8.48 1.87 13.50
C SER A 9 7.26 2.13 12.63
N GLU A 10 7.48 2.84 11.53
CA GLU A 10 6.40 3.26 10.66
C GLU A 10 6.69 2.93 9.22
N LEU A 11 5.65 2.49 8.51
CA LEU A 11 5.72 2.20 7.10
C LEU A 11 4.66 3.01 6.38
N LYS A 12 5.07 3.91 5.48
CA LYS A 12 4.13 4.84 4.86
C LYS A 12 4.38 4.95 3.37
N LYS A 13 3.32 5.15 2.61
CA LYS A 13 3.44 5.38 1.18
C LYS A 13 4.04 6.75 0.90
N PRO A 14 4.72 6.89 -0.24
CA PRO A 14 5.17 8.22 -0.65
C PRO A 14 4.00 9.15 -0.88
N GLY A 15 4.10 10.39 -0.43
CA GLY A 15 3.01 11.33 -0.57
C GLY A 15 2.17 11.39 0.69
N ALA A 16 2.26 10.34 1.51
CA ALA A 16 1.54 10.32 2.78
C ALA A 16 2.26 11.16 3.83
N SER A 17 1.65 11.30 4.99
CA SER A 17 2.32 11.94 6.12
C SER A 17 2.45 10.95 7.27
N VAL A 18 3.31 11.29 8.22
CA VAL A 18 3.55 10.45 9.38
C VAL A 18 3.77 11.36 10.58
N LYS A 19 3.35 10.91 11.76
CA LYS A 19 3.62 11.65 12.97
C LYS A 19 4.27 10.73 14.01
N VAL A 20 5.50 11.05 14.40
CA VAL A 20 6.18 10.25 15.41
C VAL A 20 6.25 10.99 16.74
N SER A 21 6.30 10.24 17.83
CA SER A 21 6.25 10.83 19.15
C SER A 21 7.47 10.51 20.00
N CYS A 22 7.75 11.43 20.92
CA CYS A 22 8.88 11.35 21.82
C CYS A 22 8.41 11.70 23.24
N LYS A 23 8.13 10.69 24.05
CA LYS A 23 7.66 10.88 25.42
C LYS A 23 8.81 11.07 26.40
N ALA A 24 8.86 12.26 27.00
CA ALA A 24 9.97 12.58 27.89
C ALA A 24 9.59 12.42 29.37
N SER A 25 10.58 12.06 30.18
CA SER A 25 10.37 11.95 31.62
C SER A 25 11.69 12.07 32.36
N GLY A 26 11.61 12.27 33.67
CA GLY A 26 12.78 12.35 34.52
C GLY A 26 13.26 13.75 34.83
N TYR A 27 12.65 14.74 34.19
CA TYR A 27 13.04 16.14 34.34
C TYR A 27 11.89 17.09 34.03
N SER A 28 12.11 18.38 34.23
CA SER A 28 11.13 19.43 33.90
C SER A 28 11.00 19.65 32.39
N PHE A 29 9.97 19.08 31.80
CA PHE A 29 9.83 19.04 30.35
C PHE A 29 9.90 20.43 29.71
N THR A 30 9.23 21.40 30.32
CA THR A 30 9.13 22.72 29.72
C THR A 30 10.30 23.65 30.08
N SER A 31 11.32 23.11 30.75
CA SER A 31 12.49 23.93 31.06
C SER A 31 13.66 23.66 30.12
N TYR A 32 13.55 22.64 29.28
CA TYR A 32 14.67 22.25 28.40
C TYR A 32 14.16 21.90 27.02
N SER A 33 14.84 22.40 25.99
CA SER A 33 14.39 22.21 24.62
C SER A 33 14.55 20.77 24.16
N ILE A 34 13.87 20.46 23.07
CA ILE A 34 14.01 19.15 22.43
C ILE A 34 14.66 19.37 21.06
N ASN A 35 15.68 18.59 20.77
CA ASN A 35 16.34 18.64 19.48
C ASN A 35 15.97 17.43 18.68
N TRP A 36 15.93 17.58 17.36
CA TRP A 36 15.60 16.47 16.46
C TRP A 36 16.73 16.21 15.47
N VAL A 37 17.04 14.93 15.28
CA VAL A 37 18.12 14.50 14.38
C VAL A 37 17.70 13.25 13.62
N ARG A 38 18.03 13.15 12.34
CA ARG A 38 17.80 11.89 11.64
C ARG A 38 19.08 11.33 11.04
N GLN A 39 19.05 10.03 10.75
CA GLN A 39 20.13 9.40 10.03
C GLN A 39 19.57 8.43 9.01
N ALA A 40 19.80 8.75 7.73
CA ALA A 40 19.40 7.87 6.64
C ALA A 40 20.48 6.79 6.39
N PRO A 41 20.07 5.66 5.76
CA PRO A 41 21.01 4.58 5.46
C PRO A 41 22.32 5.06 4.85
N GLY A 42 23.44 4.60 5.40
CA GLY A 42 24.75 4.92 4.87
C GLY A 42 25.32 6.24 5.35
N GLN A 43 24.45 7.26 5.43
CA GLN A 43 24.88 8.62 5.70
C GLN A 43 25.10 8.91 7.18
N GLY A 44 25.77 10.03 7.46
CA GLY A 44 25.95 10.48 8.81
C GLY A 44 24.68 11.18 9.25
N PRO A 45 24.49 11.35 10.55
CA PRO A 45 23.26 11.99 11.02
C PRO A 45 23.13 13.42 10.49
N GLU A 46 21.88 13.91 10.43
CA GLU A 46 21.54 15.25 9.98
C GLU A 46 20.68 15.92 11.04
N TRP A 47 21.09 17.09 11.48
CA TRP A 47 20.37 17.79 12.53
C TRP A 47 19.23 18.54 11.87
N MET A 48 18.04 18.40 12.46
CA MET A 48 16.83 18.94 11.84
C MET A 48 16.38 20.25 12.49
N GLY A 49 16.74 20.46 13.74
CA GLY A 49 16.32 21.66 14.45
C GLY A 49 15.98 21.37 15.89
N TRP A 50 15.37 22.35 16.54
CA TRP A 50 14.94 22.19 17.92
C TRP A 50 13.63 22.92 18.16
N ILE A 51 12.99 22.65 19.29
CA ILE A 51 11.78 23.34 19.68
C ILE A 51 11.91 23.83 21.12
N ASP A 52 11.50 25.07 21.34
CA ASP A 52 11.48 25.66 22.67
C ASP A 52 10.28 25.07 23.41
N THR A 53 10.51 24.37 24.51
CA THR A 53 9.36 23.71 25.14
C THR A 53 8.58 24.64 26.05
N ASN A 54 9.08 25.85 26.22
CA ASN A 54 8.38 26.87 27.01
C ASN A 54 7.44 27.64 26.10
N THR A 55 8.00 28.35 25.12
CA THR A 55 7.19 29.13 24.20
C THR A 55 6.50 28.28 23.14
N GLY A 56 7.03 27.09 22.88
CA GLY A 56 6.52 26.28 21.79
C GLY A 56 7.09 26.58 20.40
N ASN A 57 7.94 27.62 20.31
CA ASN A 57 8.50 28.05 19.02
C ASN A 57 9.53 27.06 18.49
N PRO A 58 9.32 26.54 17.27
CA PRO A 58 10.31 25.67 16.64
C PRO A 58 11.29 26.44 15.76
N THR A 59 12.51 25.93 15.65
CA THR A 59 13.50 26.45 14.71
C THR A 59 13.97 25.26 13.87
N TYR A 60 14.03 25.44 12.55
CA TYR A 60 14.36 24.36 11.65
C TYR A 60 15.68 24.61 10.93
N ALA A 61 16.51 23.58 10.84
CA ALA A 61 17.66 23.62 9.93
C ALA A 61 17.16 23.94 8.53
N GLN A 62 18.00 24.56 7.72
CA GLN A 62 17.63 24.98 6.37
C GLN A 62 16.94 23.88 5.56
N ASP A 63 17.50 22.68 5.66
CA ASP A 63 17.15 21.56 4.78
C ASP A 63 15.86 20.84 5.19
N PHE A 64 15.37 21.18 6.38
CA PHE A 64 14.16 20.54 6.87
C PHE A 64 13.02 21.52 7.04
N ALA A 65 13.24 22.75 6.61
CA ALA A 65 12.20 23.76 6.85
C ALA A 65 11.13 23.66 5.76
N GLY A 66 9.94 23.18 6.12
CA GLY A 66 8.84 23.10 5.17
C GLY A 66 7.89 21.93 5.35
N ARG A 67 8.37 20.73 5.06
CA ARG A 67 7.52 19.54 5.17
C ARG A 67 7.55 18.92 6.57
N PHE A 68 8.46 19.42 7.39
CA PHE A 68 8.68 18.89 8.72
C PHE A 68 8.11 19.82 9.79
N VAL A 69 7.41 19.28 10.77
CA VAL A 69 6.79 20.12 11.81
C VAL A 69 7.08 19.57 13.21
N PHE A 70 7.69 20.39 14.06
CA PHE A 70 7.87 20.05 15.46
C PHE A 70 6.67 20.55 16.23
N SER A 71 6.11 19.73 17.11
CA SER A 71 5.00 20.21 17.94
C SER A 71 5.09 19.58 19.32
N LEU A 72 4.23 20.00 20.23
CA LEU A 72 4.26 19.52 21.61
C LEU A 72 2.88 19.21 22.14
N ASP A 73 2.82 18.29 23.11
CA ASP A 73 1.70 18.25 24.04
C ASP A 73 2.37 18.23 25.40
N THR A 74 2.49 19.41 26.00
CA THR A 74 3.24 19.54 27.24
C THR A 74 2.53 18.84 28.39
N SER A 75 1.21 18.71 28.29
CA SER A 75 0.45 18.09 29.36
C SER A 75 0.80 16.60 29.50
N VAL A 76 1.33 15.99 28.46
CA VAL A 76 1.81 14.62 28.55
C VAL A 76 3.31 14.56 28.25
N THR A 77 3.98 15.69 28.43
CA THR A 77 5.43 15.87 28.22
C THR A 77 5.94 15.10 27.01
N THR A 78 5.26 15.28 25.89
CA THR A 78 5.59 14.61 24.65
C THR A 78 5.88 15.63 23.55
N ALA A 79 6.93 15.37 22.78
CA ALA A 79 7.25 16.16 21.60
C ALA A 79 6.95 15.32 20.37
N TYR A 80 6.44 15.95 19.32
CA TYR A 80 6.04 15.22 18.14
C TYR A 80 6.83 15.73 16.95
N LEU A 81 7.04 14.84 15.98
CA LEU A 81 7.58 15.24 14.70
C LEU A 81 6.62 14.74 13.63
N GLN A 82 6.12 15.66 12.80
CA GLN A 82 5.29 15.30 11.65
C GLN A 82 5.95 15.63 10.33
N ILE A 83 5.89 14.69 9.39
CA ILE A 83 6.45 14.85 8.06
C ILE A 83 5.34 14.71 7.04
N SER A 84 5.22 15.66 6.11
CA SER A 84 4.17 15.59 5.09
C SER A 84 4.80 15.33 3.72
N SER A 85 3.99 14.87 2.77
CA SER A 85 4.47 14.54 1.43
C SER A 85 5.75 13.71 1.46
N LEU A 86 5.71 12.60 2.18
CA LEU A 86 6.90 11.76 2.35
C LEU A 86 7.55 11.37 1.03
N LYS A 87 8.89 11.40 1.01
CA LYS A 87 9.68 11.01 -0.15
C LYS A 87 10.57 9.81 0.21
N ALA A 88 11.09 9.13 -0.81
CA ALA A 88 12.03 8.04 -0.59
C ALA A 88 13.19 8.48 0.31
N GLY A 89 13.72 9.67 0.03
CA GLY A 89 14.78 10.24 0.84
C GLY A 89 14.45 10.56 2.28
N ASP A 90 13.18 10.42 2.68
CA ASP A 90 12.81 10.63 4.07
C ASP A 90 13.00 9.38 4.92
N THR A 91 13.13 8.23 4.26
CA THR A 91 13.40 6.98 4.93
C THR A 91 14.68 7.13 5.78
N ALA A 92 14.54 6.95 7.09
CA ALA A 92 15.59 7.23 8.06
C ALA A 92 15.20 6.78 9.46
N VAL A 93 16.16 6.83 10.37
CA VAL A 93 15.84 6.74 11.78
C VAL A 93 15.76 8.19 12.33
N TYR A 94 14.67 8.52 13.02
CA TYR A 94 14.46 9.85 13.60
C TYR A 94 14.63 9.83 15.12
N TYR A 95 15.51 10.68 15.63
CA TYR A 95 15.86 10.73 17.04
C TYR A 95 15.40 12.04 17.65
N CYS A 96 14.86 11.98 18.87
CA CYS A 96 14.74 13.18 19.69
C CYS A 96 15.90 13.19 20.67
N ALA A 97 16.28 14.39 21.12
CA ALA A 97 17.41 14.52 22.03
C ALA A 97 17.17 15.68 22.99
N THR A 98 17.77 15.62 24.18
CA THR A 98 17.73 16.77 25.08
C THR A 98 19.00 16.79 25.92
N TYR A 99 19.01 17.60 26.97
CA TYR A 99 20.17 17.83 27.83
C TYR A 99 20.31 16.80 28.94
N TYR A 100 21.55 16.52 29.33
CA TYR A 100 21.82 16.02 30.67
C TYR A 100 21.50 17.19 31.58
N VAL A 101 20.25 17.30 32.03
CA VAL A 101 19.78 18.52 32.68
C VAL A 101 20.61 18.91 33.88
N ASP A 102 21.21 17.91 34.54
CA ASP A 102 22.09 18.14 35.67
C ASP A 102 23.28 19.03 35.32
N LEU A 103 23.63 19.11 34.04
CA LEU A 103 24.82 19.81 33.62
C LEU A 103 24.50 21.14 32.96
N TRP A 104 23.22 21.50 32.92
CA TRP A 104 22.79 22.71 32.23
C TRP A 104 21.86 23.60 33.06
N GLY A 105 22.29 23.91 34.28
CA GLY A 105 21.57 24.84 35.14
C GLY A 105 20.14 24.45 35.41
N SER A 106 19.26 25.45 35.45
CA SER A 106 17.85 25.21 35.76
C SER A 106 16.96 25.26 34.53
N TYR A 107 17.49 25.75 33.42
CA TYR A 107 16.65 26.03 32.26
C TYR A 107 17.54 26.22 31.04
N ARG A 108 17.19 25.62 29.90
CA ARG A 108 17.95 25.85 28.67
C ARG A 108 17.11 25.57 27.46
N GLN A 109 16.94 26.58 26.61
CA GLN A 109 16.17 26.44 25.38
C GLN A 109 17.03 26.87 24.19
N ASP A 110 17.94 26.01 23.77
CA ASP A 110 18.79 26.31 22.63
C ASP A 110 19.18 25.01 21.91
N TYR A 111 20.10 25.10 20.96
CA TYR A 111 20.45 23.93 20.14
C TYR A 111 21.46 22.97 20.79
N TYR A 112 21.91 23.25 22.02
CA TYR A 112 22.84 22.34 22.69
C TYR A 112 22.18 21.14 23.36
N GLY A 113 20.87 20.98 23.19
CA GLY A 113 20.16 19.87 23.81
C GLY A 113 20.38 18.57 23.05
N MET A 114 21.62 18.09 23.10
CA MET A 114 22.06 17.00 22.24
C MET A 114 22.79 15.94 23.03
N ASP A 115 22.64 15.98 24.34
CA ASP A 115 23.33 15.05 25.24
C ASP A 115 22.71 13.66 25.29
N VAL A 116 21.39 13.59 25.38
CA VAL A 116 20.68 12.34 25.58
C VAL A 116 19.72 12.12 24.44
N TRP A 117 19.83 10.98 23.78
CA TRP A 117 19.04 10.68 22.59
C TRP A 117 18.07 9.54 22.85
N GLY A 118 16.89 9.61 22.28
CA GLY A 118 16.00 8.46 22.32
C GLY A 118 16.58 7.34 21.48
N HIS A 119 15.93 6.18 21.52
CA HIS A 119 16.36 5.05 20.73
C HIS A 119 16.12 5.20 19.23
N GLY A 120 15.32 6.19 18.84
CA GLY A 120 15.09 6.45 17.43
C GLY A 120 13.83 5.77 16.92
N THR A 121 13.21 6.37 15.92
CA THR A 121 12.03 5.79 15.26
C THR A 121 12.31 5.63 13.78
N LEU A 122 12.29 4.38 13.30
CA LEU A 122 12.52 4.10 11.90
C LEU A 122 11.26 4.42 11.09
N VAL A 123 11.42 5.25 10.08
CA VAL A 123 10.35 5.58 9.17
C VAL A 123 10.77 5.09 7.80
N THR A 124 10.01 4.15 7.25
CA THR A 124 10.29 3.63 5.93
C THR A 124 9.22 4.05 4.94
N VAL A 125 9.62 4.78 3.91
CA VAL A 125 8.70 5.21 2.87
C VAL A 125 8.65 4.13 1.80
N SER A 126 7.48 3.51 1.69
CA SER A 126 7.33 2.32 0.88
C SER A 126 5.92 2.19 0.31
N SER A 127 5.83 1.70 -0.92
CA SER A 127 4.55 1.42 -1.55
C SER A 127 4.35 -0.09 -1.75
N ALA A 128 5.04 -0.88 -0.94
CA ALA A 128 5.01 -2.33 -1.09
C ALA A 128 3.86 -2.98 -0.31
N SER A 129 3.34 -4.07 -0.85
CA SER A 129 2.36 -4.89 -0.17
C SER A 129 2.80 -6.34 -0.27
N THR A 130 2.18 -7.22 0.53
CA THR A 130 2.63 -8.61 0.62
C THR A 130 2.79 -9.25 -0.75
N LYS A 131 3.98 -9.80 -1.02
CA LYS A 131 4.32 -10.32 -2.34
C LYS A 131 5.45 -11.37 -2.31
N GLY A 132 5.26 -12.45 -3.06
CA GLY A 132 6.25 -13.50 -3.17
C GLY A 132 7.37 -13.15 -4.13
N PRO A 133 8.55 -13.72 -3.89
CA PRO A 133 9.71 -13.37 -4.71
C PRO A 133 9.70 -14.01 -6.09
N SER A 134 10.28 -13.34 -7.08
CA SER A 134 10.65 -14.00 -8.33
C SER A 134 12.04 -14.59 -8.13
N VAL A 135 12.24 -15.85 -8.54
CA VAL A 135 13.55 -16.48 -8.36
C VAL A 135 14.23 -16.73 -9.70
N PHE A 136 15.46 -16.25 -9.80
CA PHE A 136 16.27 -16.36 -11.01
C PHE A 136 17.62 -16.98 -10.66
N PRO A 137 18.20 -17.76 -11.59
CA PRO A 137 19.49 -18.41 -11.36
C PRO A 137 20.68 -17.45 -11.45
N LEU A 138 21.69 -17.69 -10.63
CA LEU A 138 22.95 -16.96 -10.71
C LEU A 138 24.06 -17.89 -11.18
N ALA A 139 24.54 -17.68 -12.41
CA ALA A 139 25.65 -18.46 -12.93
C ALA A 139 26.71 -17.51 -13.49
N PRO A 140 28.00 -17.85 -13.30
CA PRO A 140 29.10 -16.96 -13.71
C PRO A 140 29.15 -16.71 -15.22
N GLY A 147 40.81 -23.77 -13.46
CA GLY A 147 39.58 -24.21 -12.82
C GLY A 147 39.35 -23.56 -11.46
N GLY A 148 39.80 -24.24 -10.41
CA GLY A 148 39.67 -23.76 -9.05
C GLY A 148 38.24 -23.87 -8.55
N THR A 149 37.78 -22.84 -7.85
CA THR A 149 36.42 -22.83 -7.33
C THR A 149 35.56 -21.80 -8.06
N ALA A 150 34.26 -22.03 -8.05
CA ALA A 150 33.32 -21.10 -8.64
C ALA A 150 32.09 -21.01 -7.76
N ALA A 151 31.20 -20.10 -8.13
CA ALA A 151 30.02 -19.85 -7.33
C ALA A 151 28.77 -19.87 -8.20
N LEU A 152 27.74 -20.57 -7.73
CA LEU A 152 26.44 -20.48 -8.36
C LEU A 152 25.45 -20.12 -7.27
N GLY A 153 24.24 -19.71 -7.67
CA GLY A 153 23.28 -19.29 -6.67
C GLY A 153 21.88 -18.99 -7.17
N CYS A 154 21.07 -18.43 -6.28
CA CYS A 154 19.71 -18.00 -6.60
C CYS A 154 19.50 -16.55 -6.17
N LEU A 155 18.99 -15.75 -7.08
CA LEU A 155 18.56 -14.39 -6.79
C LEU A 155 17.10 -14.39 -6.42
N VAL A 156 16.80 -14.08 -5.17
CA VAL A 156 15.44 -14.06 -4.65
C VAL A 156 14.95 -12.61 -4.68
N LYS A 157 14.14 -12.28 -5.67
CA LYS A 157 13.93 -10.89 -6.03
C LYS A 157 12.51 -10.36 -5.75
N ASP A 158 12.45 -9.14 -5.22
CA ASP A 158 11.22 -8.37 -5.04
C ASP A 158 10.15 -9.06 -4.22
N TYR A 159 10.44 -9.33 -2.95
CA TYR A 159 9.43 -9.88 -2.07
C TYR A 159 9.16 -8.94 -0.89
N PHE A 160 8.11 -9.27 -0.15
CA PHE A 160 7.67 -8.47 0.98
C PHE A 160 6.57 -9.20 1.74
N PRO A 161 6.65 -9.21 3.08
CA PRO A 161 7.76 -8.67 3.86
C PRO A 161 8.81 -9.75 4.13
N GLU A 162 9.79 -9.43 4.99
CA GLU A 162 10.72 -10.43 5.48
C GLU A 162 9.98 -11.42 6.38
N PRO A 163 10.49 -12.64 6.54
CA PRO A 163 11.73 -13.19 6.00
C PRO A 163 11.48 -14.19 4.86
N VAL A 164 12.53 -14.46 4.09
CA VAL A 164 12.53 -15.57 3.16
C VAL A 164 13.50 -16.59 3.70
N THR A 165 13.24 -17.88 3.52
CA THR A 165 14.20 -18.91 3.91
C THR A 165 14.70 -19.63 2.66
N VAL A 166 15.96 -20.01 2.67
CA VAL A 166 16.52 -20.66 1.50
C VAL A 166 17.35 -21.87 1.88
N SER A 167 17.07 -22.99 1.23
CA SER A 167 17.93 -24.17 1.36
C SER A 167 18.41 -24.62 -0.02
N TRP A 168 19.29 -25.60 -0.06
CA TRP A 168 19.74 -26.15 -1.32
C TRP A 168 19.60 -27.67 -1.31
N ASN A 169 19.16 -28.22 -2.44
CA ASN A 169 18.86 -29.64 -2.58
C ASN A 169 18.12 -30.17 -1.36
N SER A 170 17.04 -29.46 -0.99
CA SER A 170 16.10 -29.86 0.06
C SER A 170 16.74 -29.87 1.45
N GLY A 171 17.84 -29.14 1.61
CA GLY A 171 18.53 -29.08 2.89
C GLY A 171 19.75 -29.99 2.96
N ALA A 172 19.88 -30.87 1.98
CA ALA A 172 20.97 -31.84 1.95
C ALA A 172 22.33 -31.17 1.73
N LEU A 173 22.34 -30.08 0.97
CA LEU A 173 23.57 -29.36 0.66
C LEU A 173 23.75 -28.17 1.58
N THR A 174 24.79 -28.22 2.42
CA THR A 174 25.05 -27.14 3.37
C THR A 174 26.47 -26.59 3.27
N SER A 175 27.41 -27.45 2.85
CA SER A 175 28.80 -27.03 2.73
C SER A 175 28.98 -25.99 1.63
N GLY A 176 29.51 -24.82 2.00
CA GLY A 176 29.76 -23.75 1.05
C GLY A 176 28.54 -22.94 0.67
N VAL A 177 27.44 -23.12 1.41
CA VAL A 177 26.24 -22.32 1.17
C VAL A 177 26.31 -21.02 1.96
N HIS A 178 26.07 -19.90 1.29
CA HIS A 178 26.04 -18.60 1.94
C HIS A 178 24.83 -17.83 1.47
N THR A 179 23.86 -17.65 2.37
CA THR A 179 22.67 -16.87 2.07
C THR A 179 22.88 -15.47 2.63
N PHE A 180 22.79 -14.48 1.75
CA PHE A 180 23.08 -13.09 2.12
C PHE A 180 21.86 -12.40 2.69
N PRO A 181 22.07 -11.52 3.69
CA PRO A 181 20.99 -10.69 4.21
C PRO A 181 20.36 -9.87 3.08
N ALA A 182 19.04 -9.70 3.11
CA ALA A 182 18.33 -8.99 2.06
C ALA A 182 18.67 -7.51 1.97
N VAL A 183 18.59 -6.98 0.76
CA VAL A 183 18.64 -5.54 0.55
C VAL A 183 17.19 -5.05 0.64
N LEU A 184 16.99 -3.86 1.19
CA LEU A 184 15.67 -3.23 1.11
C LEU A 184 15.80 -2.15 0.06
N GLN A 185 15.14 -2.32 -1.08
CA GLN A 185 15.22 -1.30 -2.11
C GLN A 185 14.20 -0.19 -1.83
N SER A 186 14.26 0.88 -2.61
CA SER A 186 13.46 2.07 -2.32
C SER A 186 11.98 1.82 -2.56
N SER A 187 11.66 0.76 -3.30
CA SER A 187 10.28 0.35 -3.53
C SER A 187 9.62 -0.05 -2.22
N GLY A 188 10.44 -0.53 -1.28
CA GLY A 188 9.92 -1.14 -0.07
C GLY A 188 9.98 -2.65 -0.16
N LEU A 189 10.27 -3.17 -1.34
CA LEU A 189 10.44 -4.61 -1.53
C LEU A 189 11.85 -5.03 -1.13
N TYR A 190 12.01 -6.30 -0.74
CA TYR A 190 13.34 -6.83 -0.44
C TYR A 190 13.81 -7.75 -1.58
N SER A 191 15.13 -7.88 -1.67
CA SER A 191 15.75 -8.89 -2.53
C SER A 191 16.98 -9.42 -1.82
N LEU A 192 17.23 -10.72 -1.95
CA LEU A 192 18.48 -11.28 -1.43
C LEU A 192 19.06 -12.28 -2.41
N SER A 193 20.28 -12.72 -2.12
CA SER A 193 20.91 -13.74 -2.92
C SER A 193 21.47 -14.84 -2.02
N SER A 194 21.34 -16.08 -2.46
CA SER A 194 22.04 -17.18 -1.81
C SER A 194 22.90 -17.89 -2.84
N VAL A 195 24.12 -18.24 -2.40
CA VAL A 195 25.16 -18.76 -3.29
C VAL A 195 25.85 -20.00 -2.73
N VAL A 196 26.15 -20.96 -3.61
CA VAL A 196 26.95 -22.11 -3.26
C VAL A 196 28.32 -21.98 -3.92
N THR A 197 29.39 -21.99 -3.12
CA THR A 197 30.74 -22.03 -3.66
C THR A 197 31.12 -23.49 -3.90
N VAL A 198 31.59 -23.81 -5.09
CA VAL A 198 31.84 -25.21 -5.47
C VAL A 198 33.06 -25.32 -6.37
N PRO A 199 33.64 -26.53 -6.47
CA PRO A 199 34.67 -26.71 -7.50
C PRO A 199 34.09 -26.36 -8.86
N SER A 200 34.88 -25.69 -9.70
CA SER A 200 34.40 -25.28 -11.01
C SER A 200 33.93 -26.47 -11.87
N SER A 201 34.51 -27.64 -11.65
CA SER A 201 34.17 -28.81 -12.44
C SER A 201 32.71 -29.23 -12.23
N SER A 202 32.15 -28.88 -11.07
CA SER A 202 30.79 -29.28 -10.72
C SER A 202 29.74 -28.44 -11.47
N LEU A 203 30.17 -27.31 -12.00
CA LEU A 203 29.26 -26.44 -12.76
C LEU A 203 28.74 -27.19 -13.97
N GLY A 204 27.43 -27.47 -13.99
CA GLY A 204 26.81 -28.14 -15.12
C GLY A 204 27.10 -29.63 -15.21
N THR A 205 27.60 -30.22 -14.14
CA THR A 205 27.87 -31.65 -14.13
C THR A 205 27.23 -32.30 -12.92
N GLN A 206 26.65 -31.44 -12.09
CA GLN A 206 26.04 -31.85 -10.85
C GLN A 206 24.78 -31.01 -10.61
N THR A 207 23.79 -31.56 -9.91
CA THR A 207 22.49 -30.89 -9.75
C THR A 207 22.42 -29.97 -8.54
N TYR A 208 22.03 -28.71 -8.78
CA TYR A 208 21.88 -27.73 -7.71
C TYR A 208 20.52 -27.04 -7.81
N ILE A 209 19.66 -27.31 -6.84
CA ILE A 209 18.34 -26.72 -6.79
C ILE A 209 18.20 -25.95 -5.50
N CYS A 210 17.82 -24.69 -5.61
CA CYS A 210 17.63 -23.89 -4.42
C CYS A 210 16.15 -23.91 -4.06
N ASN A 211 15.86 -24.05 -2.78
CA ASN A 211 14.49 -24.11 -2.32
C ASN A 211 14.20 -22.83 -1.54
N VAL A 212 13.27 -22.04 -2.07
CA VAL A 212 12.95 -20.73 -1.50
C VAL A 212 11.54 -20.77 -0.93
N ASN A 213 11.39 -20.42 0.34
CA ASN A 213 10.07 -20.34 0.96
C ASN A 213 9.82 -18.94 1.51
N HIS A 214 8.68 -18.38 1.12
CA HIS A 214 8.23 -17.09 1.63
C HIS A 214 6.86 -17.27 2.28
N LYS A 215 6.87 -17.44 3.59
CA LYS A 215 5.65 -17.72 4.35
C LYS A 215 4.50 -16.71 4.19
N PRO A 216 4.78 -15.38 4.29
CA PRO A 216 3.65 -14.43 4.26
C PRO A 216 2.80 -14.52 3.00
N SER A 217 3.38 -14.99 1.90
CA SER A 217 2.67 -15.08 0.63
C SER A 217 2.34 -16.52 0.25
N ASN A 218 2.62 -17.45 1.17
CA ASN A 218 2.48 -18.89 0.92
C ASN A 218 3.20 -19.31 -0.36
N THR A 219 4.46 -18.90 -0.47
CA THR A 219 5.24 -19.15 -1.68
C THR A 219 6.35 -20.16 -1.45
N LYS A 220 6.30 -21.28 -2.18
CA LYS A 220 7.42 -22.22 -2.22
C LYS A 220 7.89 -22.33 -3.64
N VAL A 221 9.18 -22.09 -3.86
CA VAL A 221 9.77 -22.17 -5.20
C VAL A 221 11.03 -23.03 -5.19
N ASP A 222 11.08 -24.01 -6.08
CA ASP A 222 12.30 -24.79 -6.31
C ASP A 222 12.87 -24.37 -7.65
N LYS A 223 14.12 -23.97 -7.67
CA LYS A 223 14.73 -23.50 -8.91
C LYS A 223 16.06 -24.19 -9.19
N ARG A 224 16.14 -24.96 -10.27
CA ARG A 224 17.43 -25.54 -10.62
C ARG A 224 18.35 -24.49 -11.25
N VAL A 225 19.63 -24.58 -10.92
CA VAL A 225 20.63 -23.64 -11.38
C VAL A 225 21.70 -24.34 -12.19
N GLU A 226 21.87 -23.93 -13.44
CA GLU A 226 22.90 -24.50 -14.33
C GLU A 226 23.71 -23.35 -14.92
N PRO A 227 24.91 -23.62 -15.42
CA PRO A 227 25.69 -22.57 -16.08
C PRO A 227 25.02 -22.00 -17.32
N LYS A 228 25.51 -20.85 -17.78
CA LYS A 228 25.22 -20.29 -19.10
C LYS A 228 23.74 -20.21 -19.43
N ALA B 1 28.95 13.77 0.08
CA ALA B 1 29.35 13.21 1.37
C ALA B 1 29.07 14.18 2.52
N SER B 2 29.53 13.82 3.71
CA SER B 2 29.30 14.63 4.91
C SER B 2 30.16 15.89 4.95
N VAL B 3 29.76 16.84 5.80
CA VAL B 3 30.44 18.13 5.90
C VAL B 3 31.79 17.99 6.60
N VAL B 4 31.86 17.14 7.62
CA VAL B 4 33.15 16.92 8.27
C VAL B 4 33.57 15.48 7.95
N THR B 5 34.88 15.25 7.88
CA THR B 5 35.43 14.01 7.29
C THR B 5 36.07 13.11 8.31
N GLN B 6 35.59 11.86 8.37
CA GLN B 6 36.11 10.83 9.28
C GLN B 6 36.60 9.63 8.47
N PRO B 7 37.65 8.95 8.95
CA PRO B 7 38.03 7.69 8.27
C PRO B 7 36.90 6.68 8.50
N PRO B 8 36.56 5.90 7.47
CA PRO B 8 35.46 4.93 7.64
C PRO B 8 35.80 3.85 8.65
N SER B 9 37.09 3.50 8.78
CA SER B 9 37.46 2.33 9.55
C SER B 9 38.81 2.49 10.27
N VAL B 10 38.79 2.24 11.58
CA VAL B 10 39.96 2.35 12.44
C VAL B 10 39.99 1.08 13.27
N SER B 11 41.17 0.51 13.51
CA SER B 11 41.26 -0.75 14.24
C SER B 11 42.58 -0.95 14.98
N GLY B 12 42.55 -1.82 15.99
CA GLY B 12 43.72 -2.18 16.75
C GLY B 12 43.45 -3.43 17.54
N THR B 13 44.49 -4.13 17.97
CA THR B 13 44.32 -5.25 18.89
C THR B 13 44.05 -4.68 20.30
N PRO B 14 43.46 -5.48 21.20
CA PRO B 14 43.12 -4.95 22.52
C PRO B 14 44.32 -4.39 23.27
N GLY B 15 44.15 -3.24 23.91
CA GLY B 15 45.23 -2.61 24.64
C GLY B 15 45.99 -1.61 23.80
N GLN B 16 45.89 -1.71 22.47
CA GLN B 16 46.53 -0.74 21.60
C GLN B 16 45.76 0.58 21.60
N GLY B 17 46.41 1.64 21.11
CA GLY B 17 45.75 2.93 21.00
C GLY B 17 45.40 3.24 19.56
N VAL B 18 44.26 3.88 19.35
CA VAL B 18 43.89 4.40 18.04
C VAL B 18 43.39 5.83 18.15
N THR B 19 43.48 6.57 17.05
CA THR B 19 42.86 7.89 16.96
C THR B 19 41.95 7.98 15.74
N ILE B 20 40.94 8.84 15.87
CA ILE B 20 39.96 9.08 14.83
C ILE B 20 39.97 10.57 14.50
N SER B 21 40.42 10.92 13.30
CA SER B 21 40.46 12.30 12.88
C SER B 21 39.06 12.79 12.50
N CYS B 22 38.82 14.07 12.72
CA CYS B 22 37.58 14.69 12.28
C CYS B 22 37.95 16.04 11.67
N SER B 23 37.95 16.09 10.35
CA SER B 23 38.45 17.23 9.60
C SER B 23 37.30 18.09 9.10
N GLY B 24 37.32 19.38 9.43
CA GLY B 24 36.24 20.28 9.05
C GLY B 24 36.74 21.57 8.41
N GLY B 25 36.07 22.69 8.71
CA GLY B 25 36.43 23.99 8.18
C GLY B 25 36.45 25.07 9.25
N SER B 26 36.79 26.29 8.84
CA SER B 26 36.84 27.43 9.74
C SER B 26 35.51 27.70 10.42
N SER B 27 34.42 27.56 9.67
CA SER B 27 33.09 27.90 10.18
C SER B 27 32.55 26.86 11.14
N ASN B 28 33.17 25.69 11.22
CA ASN B 28 32.65 24.72 12.18
C ASN B 28 33.66 24.35 13.27
N ILE B 29 34.46 23.31 13.04
CA ILE B 29 35.39 22.86 14.04
C ILE B 29 36.33 23.99 14.47
N GLY B 30 36.68 24.84 13.52
CA GLY B 30 37.60 25.93 13.78
C GLY B 30 37.06 26.98 14.73
N SER B 31 35.75 27.04 14.93
CA SER B 31 35.23 28.11 15.80
C SER B 31 34.28 27.66 16.92
N ASN B 32 33.86 26.39 16.89
CA ASN B 32 32.88 25.89 17.85
C ASN B 32 33.26 24.58 18.54
N PRO B 33 32.73 24.34 19.76
CA PRO B 33 33.06 23.13 20.55
C PRO B 33 32.51 21.84 19.94
N VAL B 34 33.32 20.78 19.99
CA VAL B 34 32.99 19.51 19.33
C VAL B 34 32.45 18.45 20.30
N ASN B 35 31.40 17.75 19.87
CA ASN B 35 30.87 16.57 20.56
C ASN B 35 31.31 15.29 19.83
N TRP B 36 31.43 14.19 20.58
CA TRP B 36 31.64 12.87 19.97
C TRP B 36 30.54 11.92 20.43
N TYR B 37 29.98 11.14 19.51
CA TYR B 37 28.95 10.17 19.87
C TYR B 37 29.38 8.74 19.56
N GLN B 38 28.94 7.81 20.40
CA GLN B 38 29.19 6.39 20.17
C GLN B 38 27.86 5.67 19.86
N MET B 39 27.78 5.03 18.71
CA MET B 39 26.61 4.27 18.31
C MET B 39 26.86 2.77 18.39
N VAL B 40 26.13 2.09 19.26
CA VAL B 40 26.15 0.64 19.37
C VAL B 40 24.76 0.10 19.05
N PRO B 41 24.67 -0.99 18.25
CA PRO B 41 23.35 -1.54 17.90
C PRO B 41 22.53 -2.00 19.11
N GLY B 42 21.24 -1.66 19.11
CA GLY B 42 20.36 -2.02 20.21
C GLY B 42 20.44 -1.03 21.36
N THR B 43 21.20 0.03 21.13
CA THR B 43 21.50 1.03 22.15
C THR B 43 21.35 2.43 21.56
N ALA B 44 20.70 3.32 22.31
CA ALA B 44 20.57 4.70 21.87
C ALA B 44 21.94 5.32 21.70
N PRO B 45 22.07 6.22 20.71
CA PRO B 45 23.31 6.96 20.54
C PRO B 45 23.73 7.62 21.86
N LYS B 46 25.02 7.54 22.17
CA LYS B 46 25.53 7.95 23.47
C LYS B 46 26.59 9.05 23.33
N LEU B 47 26.42 10.12 24.08
CA LEU B 47 27.40 11.18 24.17
C LEU B 47 28.66 10.66 24.85
N LEU B 48 29.77 10.76 24.14
CA LEU B 48 31.08 10.24 24.59
C LEU B 48 31.96 11.37 25.11
N LEU B 49 32.00 12.46 24.36
CA LEU B 49 32.72 13.67 24.78
C LEU B 49 31.94 14.92 24.41
N TYR B 50 32.05 15.97 25.22
CA TYR B 50 31.50 17.26 24.84
C TYR B 50 32.50 18.38 25.13
N THR B 51 32.27 19.56 24.53
CA THR B 51 33.23 20.65 24.45
C THR B 51 34.67 20.14 24.27
N ASN B 52 34.84 19.30 23.24
CA ASN B 52 36.11 18.75 22.76
C ASN B 52 36.68 17.59 23.58
N ASN B 53 36.71 17.72 24.90
CA ASN B 53 37.47 16.77 25.73
C ASN B 53 36.84 16.40 27.06
N GLN B 54 35.58 16.79 27.26
CA GLN B 54 34.98 16.56 28.56
C GLN B 54 34.18 15.24 28.55
N ARG B 55 34.46 14.38 29.53
CA ARG B 55 33.78 13.10 29.62
C ARG B 55 32.54 13.17 30.50
N PRO B 56 31.39 12.77 29.97
CA PRO B 56 30.22 12.60 30.84
C PRO B 56 30.50 11.53 31.88
N SER B 57 29.81 11.61 33.02
CA SER B 57 29.90 10.57 34.03
C SER B 57 29.73 9.20 33.40
N GLY B 58 30.68 8.30 33.66
CA GLY B 58 30.59 6.95 33.16
C GLY B 58 31.52 6.59 32.02
N VAL B 59 31.86 7.58 31.18
CA VAL B 59 32.76 7.35 30.07
C VAL B 59 34.19 7.20 30.60
N PRO B 60 34.88 6.10 30.25
CA PRO B 60 36.21 5.80 30.81
C PRO B 60 37.28 6.77 30.32
N ASP B 61 38.32 6.98 31.13
CA ASP B 61 39.33 7.97 30.79
C ASP B 61 40.28 7.53 29.67
N ARG B 62 40.11 6.30 29.18
CA ARG B 62 40.91 5.87 28.04
C ARG B 62 40.44 6.57 26.78
N PHE B 63 39.21 7.11 26.82
CA PHE B 63 38.72 7.99 25.77
C PHE B 63 39.19 9.40 26.06
N SER B 64 39.83 10.03 25.09
CA SER B 64 40.17 11.44 25.24
C SER B 64 40.01 12.18 23.92
N GLY B 65 39.71 13.48 24.01
CA GLY B 65 39.45 14.27 22.83
C GLY B 65 40.26 15.55 22.78
N SER B 66 40.45 16.05 21.57
CA SER B 66 41.19 17.29 21.38
C SER B 66 40.76 17.95 20.08
N LYS B 67 41.13 19.21 19.94
CA LYS B 67 40.86 19.94 18.71
C LYS B 67 42.05 20.83 18.39
N SER B 68 42.41 20.94 17.12
CA SER B 68 43.46 21.85 16.70
C SER B 68 43.22 22.36 15.30
N GLY B 69 43.23 23.68 15.14
CA GLY B 69 42.91 24.31 13.88
C GLY B 69 41.52 23.90 13.44
N THR B 70 41.45 23.18 12.33
CA THR B 70 40.19 22.86 11.71
C THR B 70 39.86 21.37 11.85
N SER B 71 40.64 20.69 12.66
CA SER B 71 40.44 19.26 12.89
C SER B 71 40.30 18.95 14.37
N ALA B 72 39.50 17.93 14.67
CA ALA B 72 39.39 17.41 16.01
C ALA B 72 39.86 15.96 15.98
N SER B 73 40.14 15.40 17.15
CA SER B 73 40.56 14.02 17.25
C SER B 73 39.97 13.34 18.47
N LEU B 74 39.57 12.09 18.28
CA LEU B 74 39.21 11.20 19.36
C LEU B 74 40.27 10.12 19.50
N ALA B 75 40.85 10.05 20.69
CA ALA B 75 41.81 9.01 21.00
C ALA B 75 41.21 7.96 21.91
N ILE B 76 41.41 6.69 21.58
CA ILE B 76 41.10 5.61 22.50
C ILE B 76 42.39 4.85 22.84
N ASN B 77 42.89 5.02 24.07
CA ASN B 77 44.15 4.40 24.49
C ASN B 77 43.97 3.16 25.36
N GLY B 78 44.07 2.00 24.73
CA GLY B 78 43.89 0.74 25.44
C GLY B 78 42.51 0.20 25.09
N LEU B 79 42.27 0.06 23.80
CA LEU B 79 41.09 -0.59 23.25
C LEU B 79 40.61 -1.81 24.04
N GLN B 80 39.32 -1.84 24.34
CA GLN B 80 38.69 -3.01 24.96
C GLN B 80 37.54 -3.46 24.06
N SER B 81 37.07 -4.68 24.24
CA SER B 81 36.06 -5.24 23.34
C SER B 81 34.83 -4.34 23.27
N GLU B 82 34.36 -3.85 24.42
CA GLU B 82 33.14 -3.02 24.47
C GLU B 82 33.29 -1.67 23.74
N ASP B 83 34.49 -1.36 23.27
CA ASP B 83 34.71 -0.14 22.51
C ASP B 83 34.40 -0.27 21.03
N GLU B 84 34.15 -1.49 20.58
CA GLU B 84 33.84 -1.72 19.18
C GLU B 84 32.46 -1.12 18.89
N ALA B 85 32.43 -0.13 17.99
CA ALA B 85 31.23 0.66 17.75
C ALA B 85 31.47 1.60 16.58
N ASP B 86 30.43 2.35 16.21
CA ASP B 86 30.59 3.44 15.25
C ASP B 86 30.68 4.74 16.04
N TYR B 87 31.59 5.62 15.63
CA TYR B 87 31.84 6.87 16.33
C TYR B 87 31.60 8.05 15.42
N TYR B 88 30.96 9.10 15.94
CA TYR B 88 30.63 10.27 15.13
C TYR B 88 31.02 11.57 15.84
N CYS B 89 31.75 12.44 15.12
CA CYS B 89 32.03 13.78 15.62
C CYS B 89 30.92 14.73 15.13
N ALA B 90 30.64 15.74 15.94
CA ALA B 90 29.61 16.71 15.57
C ALA B 90 29.96 18.08 16.12
N VAL B 91 29.58 19.10 15.36
CA VAL B 91 29.90 20.46 15.77
C VAL B 91 28.87 21.42 15.17
N TRP B 92 28.69 22.57 15.80
CA TRP B 92 27.83 23.60 15.24
C TRP B 92 28.56 24.30 14.11
N ASP B 93 27.84 24.53 13.01
CA ASP B 93 28.42 25.18 11.83
C ASP B 93 27.64 26.45 11.60
N ASP B 94 28.36 27.57 11.55
CA ASP B 94 27.72 28.87 11.44
C ASP B 94 27.44 29.20 9.98
N SER B 95 28.08 28.45 9.08
CA SER B 95 28.15 28.82 7.67
C SER B 95 26.87 28.63 6.87
N LEU B 96 26.33 27.42 6.91
CA LEU B 96 25.25 27.00 6.02
C LEU B 96 24.01 27.86 6.28
N SER B 97 23.43 27.70 7.46
CA SER B 97 22.41 28.63 7.91
C SER B 97 22.38 28.57 9.41
N GLY B 98 23.31 27.81 9.96
CA GLY B 98 23.29 27.49 11.37
C GLY B 98 22.68 26.12 11.54
N ARG B 99 23.53 25.14 11.82
CA ARG B 99 23.11 23.77 12.06
C ARG B 99 24.26 22.97 12.62
N TRP B 100 23.96 21.98 13.46
CA TRP B 100 24.96 20.96 13.74
C TRP B 100 25.31 20.25 12.44
N VAL B 101 26.58 19.88 12.28
CA VAL B 101 26.98 18.99 11.20
C VAL B 101 27.71 17.79 11.80
N PHE B 102 27.59 16.64 11.14
CA PHE B 102 28.19 15.38 11.63
C PHE B 102 29.22 14.83 10.65
N GLY B 103 30.18 14.09 11.16
CA GLY B 103 31.03 13.27 10.31
C GLY B 103 30.23 12.09 9.78
N GLY B 104 30.81 11.35 8.85
CA GLY B 104 30.14 10.21 8.24
C GLY B 104 30.22 8.94 9.07
N GLY B 105 30.97 8.99 10.16
CA GLY B 105 31.06 7.85 11.04
C GLY B 105 32.37 7.08 10.88
N THR B 106 32.85 6.53 11.98
CA THR B 106 34.05 5.70 11.97
C THR B 106 33.79 4.38 12.69
N LYS B 107 33.95 3.25 12.02
CA LYS B 107 33.83 1.98 12.72
C LYS B 107 35.14 1.63 13.39
N VAL B 108 35.10 1.44 14.71
CA VAL B 108 36.26 0.98 15.45
C VAL B 108 36.14 -0.52 15.69
N THR B 109 37.11 -1.29 15.21
CA THR B 109 37.11 -2.73 15.49
C THR B 109 38.28 -3.11 16.38
N VAL B 110 38.00 -3.91 17.40
CA VAL B 110 39.02 -4.46 18.27
C VAL B 110 39.41 -5.80 17.66
N LEU B 111 40.57 -5.81 16.99
CA LEU B 111 40.93 -6.92 16.12
C LEU B 111 41.07 -8.21 16.91
N ARG B 112 40.43 -9.26 16.40
CA ARG B 112 40.50 -10.57 17.04
C ARG B 112 40.97 -11.64 16.07
N GLN B 113 41.27 -11.22 14.85
CA GLN B 113 41.73 -12.11 13.79
C GLN B 113 42.33 -11.22 12.73
N PRO B 114 43.17 -11.78 11.84
CA PRO B 114 43.86 -10.95 10.85
C PRO B 114 42.92 -10.23 9.89
N LYS B 115 43.27 -9.01 9.52
CA LYS B 115 42.58 -8.30 8.44
C LYS B 115 42.43 -9.22 7.24
N ALA B 116 41.26 -9.18 6.62
CA ALA B 116 40.97 -10.00 5.45
C ALA B 116 40.25 -9.17 4.40
N ALA B 117 40.83 -9.08 3.21
CA ALA B 117 40.19 -8.43 2.07
C ALA B 117 38.99 -9.29 1.64
N PRO B 118 37.96 -8.66 1.05
CA PRO B 118 36.77 -9.43 0.69
C PRO B 118 36.94 -10.34 -0.52
N THR B 119 36.14 -11.41 -0.55
CA THR B 119 35.91 -12.17 -1.76
C THR B 119 34.74 -11.52 -2.49
N VAL B 120 34.94 -11.16 -3.75
CA VAL B 120 33.89 -10.52 -4.51
C VAL B 120 33.46 -11.35 -5.72
N THR B 121 32.17 -11.65 -5.80
CA THR B 121 31.61 -12.35 -6.95
C THR B 121 30.55 -11.49 -7.63
N LEU B 122 30.71 -11.30 -8.93
CA LEU B 122 29.77 -10.51 -9.72
C LEU B 122 29.01 -11.40 -10.69
N PHE B 123 27.69 -11.36 -10.61
CA PHE B 123 26.81 -12.13 -11.49
C PHE B 123 26.09 -11.25 -12.50
N PRO B 124 26.07 -11.67 -13.77
CA PRO B 124 25.34 -10.95 -14.80
C PRO B 124 23.85 -11.29 -14.68
N PRO B 125 22.97 -10.57 -15.40
CA PRO B 125 21.56 -10.95 -15.35
C PRO B 125 21.33 -12.30 -16.05
N SER B 126 20.32 -13.03 -15.61
CA SER B 126 20.02 -14.33 -16.19
C SER B 126 19.12 -14.16 -17.41
N SER B 127 19.10 -15.17 -18.28
CA SER B 127 18.23 -15.15 -19.45
C SER B 127 16.78 -15.04 -19.00
N GLU B 128 16.46 -15.72 -17.90
CA GLU B 128 15.12 -15.72 -17.33
C GLU B 128 14.68 -14.30 -17.03
N GLU B 129 15.52 -13.55 -16.32
CA GLU B 129 15.19 -12.17 -15.96
C GLU B 129 15.12 -11.28 -17.19
N LEU B 130 16.09 -11.44 -18.10
CA LEU B 130 16.12 -10.65 -19.33
C LEU B 130 14.88 -10.92 -20.17
N GLN B 131 14.40 -12.16 -20.12
CA GLN B 131 13.17 -12.53 -20.79
C GLN B 131 12.00 -11.76 -20.18
N ALA B 132 12.07 -11.50 -18.88
CA ALA B 132 11.02 -10.79 -18.18
C ALA B 132 11.16 -9.27 -18.33
N ASN B 133 11.99 -8.85 -19.28
CA ASN B 133 12.24 -7.43 -19.54
C ASN B 133 12.81 -6.70 -18.31
N LYS B 134 13.65 -7.40 -17.55
CA LYS B 134 14.36 -6.79 -16.44
C LYS B 134 15.83 -7.19 -16.49
N ALA B 135 16.62 -6.61 -15.60
CA ALA B 135 18.03 -6.91 -15.51
C ALA B 135 18.58 -6.48 -14.16
N THR B 136 19.29 -7.41 -13.51
CA THR B 136 19.94 -7.12 -12.24
C THR B 136 21.36 -7.67 -12.23
N LEU B 137 22.33 -6.81 -11.98
CA LEU B 137 23.69 -7.25 -11.72
C LEU B 137 23.84 -7.48 -10.22
N VAL B 138 24.48 -8.59 -9.84
CA VAL B 138 24.59 -8.95 -8.44
C VAL B 138 26.04 -9.03 -7.97
N CYS B 139 26.42 -8.10 -7.11
CA CYS B 139 27.78 -8.04 -6.59
C CYS B 139 27.81 -8.45 -5.14
N LEU B 140 28.34 -9.63 -4.86
CA LEU B 140 28.31 -10.17 -3.51
C LEU B 140 29.70 -10.12 -2.87
N ILE B 141 29.74 -9.75 -1.60
CA ILE B 141 30.98 -9.38 -0.92
C ILE B 141 31.08 -10.07 0.43
N SER B 142 32.04 -10.98 0.59
CA SER B 142 32.10 -11.78 1.82
C SER B 142 33.50 -11.90 2.40
N ASP B 143 33.56 -12.44 3.61
CA ASP B 143 34.79 -12.70 4.33
C ASP B 143 35.70 -11.49 4.47
N PHE B 144 35.15 -10.29 4.63
CA PHE B 144 36.02 -9.13 4.85
C PHE B 144 36.03 -8.73 6.32
N TYR B 145 37.14 -8.16 6.75
CA TYR B 145 37.36 -7.84 8.16
C TYR B 145 38.51 -6.84 8.24
N PRO B 146 38.33 -5.72 8.95
CA PRO B 146 37.12 -5.20 9.62
C PRO B 146 35.91 -5.09 8.70
N GLY B 147 34.73 -5.01 9.29
CA GLY B 147 33.50 -4.92 8.53
C GLY B 147 33.10 -3.54 8.03
N ALA B 148 33.87 -2.99 7.11
CA ALA B 148 33.48 -1.75 6.45
C ALA B 148 33.94 -1.79 4.99
N VAL B 149 33.02 -1.54 4.06
CA VAL B 149 33.35 -1.45 2.65
C VAL B 149 32.57 -0.33 2.00
N THR B 150 33.07 0.15 0.86
CA THR B 150 32.26 1.03 0.02
C THR B 150 32.25 0.42 -1.38
N VAL B 151 31.11 0.55 -2.06
CA VAL B 151 30.95 -0.09 -3.35
C VAL B 151 30.69 0.94 -4.44
N ALA B 152 31.46 0.87 -5.52
CA ALA B 152 31.20 1.71 -6.67
C ALA B 152 31.02 0.83 -7.90
N TRP B 153 30.05 1.18 -8.74
CA TRP B 153 29.85 0.50 -10.00
C TRP B 153 30.28 1.38 -11.14
N LYS B 154 30.60 0.78 -12.27
CA LYS B 154 30.79 1.57 -13.47
C LYS B 154 30.30 0.85 -14.72
N ALA B 155 29.61 1.59 -15.58
CA ALA B 155 29.22 1.11 -16.89
C ALA B 155 30.38 1.33 -17.85
N ASP B 156 30.88 0.23 -18.41
CA ASP B 156 32.13 0.25 -19.15
C ASP B 156 33.22 0.89 -18.29
N SER B 157 33.49 2.17 -18.50
CA SER B 157 34.49 2.86 -17.68
C SER B 157 33.97 4.13 -17.01
N SER B 158 32.64 4.25 -16.92
CA SER B 158 32.01 5.43 -16.34
C SER B 158 31.15 5.08 -15.12
N PRO B 159 31.26 5.87 -14.04
CA PRO B 159 30.50 5.63 -12.80
C PRO B 159 28.99 5.78 -13.02
N VAL B 160 28.17 5.01 -12.32
CA VAL B 160 26.73 4.98 -12.60
C VAL B 160 25.81 5.60 -11.55
N LYS B 161 26.04 5.28 -10.26
CA LYS B 161 25.22 5.78 -9.15
C LYS B 161 23.72 5.36 -9.20
N ALA B 162 23.05 5.66 -10.30
CA ALA B 162 21.61 5.38 -10.43
C ALA B 162 21.30 3.88 -10.52
N GLY B 163 20.28 3.43 -9.79
CA GLY B 163 19.87 2.05 -9.81
C GLY B 163 20.70 1.15 -8.91
N VAL B 164 21.56 1.76 -8.10
CA VAL B 164 22.41 1.00 -7.18
C VAL B 164 21.82 0.93 -5.77
N GLU B 165 21.77 -0.26 -5.21
CA GLU B 165 21.33 -0.46 -3.84
C GLU B 165 22.30 -1.37 -3.12
N THR B 166 22.77 -0.93 -1.95
CA THR B 166 23.81 -1.65 -1.23
C THR B 166 23.43 -1.87 0.22
N THR B 167 23.67 -3.08 0.72
CA THR B 167 23.37 -3.39 2.12
C THR B 167 24.49 -2.86 3.01
N THR B 168 24.20 -2.74 4.30
CA THR B 168 25.25 -2.56 5.29
C THR B 168 25.99 -3.88 5.46
N PRO B 169 27.22 -3.84 5.99
CA PRO B 169 27.92 -5.08 6.31
C PRO B 169 27.24 -5.84 7.45
N SER B 170 27.16 -7.17 7.35
CA SER B 170 26.62 -7.99 8.43
C SER B 170 27.59 -9.10 8.81
N LYS B 171 27.66 -9.40 10.11
CA LYS B 171 28.60 -10.39 10.62
C LYS B 171 28.26 -11.81 10.13
N GLN B 172 29.29 -12.56 9.75
CA GLN B 172 29.12 -13.96 9.38
C GLN B 172 29.35 -14.85 10.59
N SER B 173 29.23 -16.16 10.40
CA SER B 173 29.51 -17.11 11.46
C SER B 173 30.99 -17.11 11.84
N ASN B 174 31.88 -16.77 10.91
CA ASN B 174 33.31 -16.77 11.22
C ASN B 174 33.81 -15.41 11.69
N ASN B 175 32.86 -14.53 12.04
CA ASN B 175 33.14 -13.19 12.58
C ASN B 175 33.73 -12.20 11.58
N LYS B 176 33.87 -12.62 10.33
CA LYS B 176 34.14 -11.68 9.25
C LYS B 176 32.78 -11.23 8.70
N TYR B 177 32.77 -10.34 7.71
CA TYR B 177 31.49 -9.74 7.31
C TYR B 177 31.08 -10.01 5.87
N ALA B 178 29.80 -9.79 5.60
CA ALA B 178 29.28 -9.88 4.24
C ALA B 178 28.46 -8.64 3.89
N ALA B 179 28.40 -8.33 2.61
CA ALA B 179 27.55 -7.26 2.10
C ALA B 179 27.16 -7.59 0.67
N SER B 180 26.09 -6.97 0.16
CA SER B 180 25.80 -7.15 -1.26
C SER B 180 25.39 -5.83 -1.91
N SER B 181 25.59 -5.75 -3.22
CA SER B 181 25.19 -4.58 -3.98
C SER B 181 24.52 -5.01 -5.27
N TYR B 182 23.38 -4.37 -5.56
CA TYR B 182 22.58 -4.68 -6.73
C TYR B 182 22.52 -3.47 -7.65
N LEU B 183 22.79 -3.71 -8.94
CA LEU B 183 22.64 -2.67 -9.95
C LEU B 183 21.50 -3.04 -10.90
N SER B 184 20.43 -2.27 -10.86
CA SER B 184 19.28 -2.54 -11.72
C SER B 184 19.42 -1.83 -13.07
N LEU B 185 19.35 -2.61 -14.14
CA LEU B 185 19.44 -2.08 -15.51
C LEU B 185 18.19 -2.42 -16.30
N THR B 186 18.11 -1.84 -17.49
CA THR B 186 17.17 -2.32 -18.50
C THR B 186 17.93 -3.33 -19.35
N PRO B 187 17.21 -4.27 -19.97
CA PRO B 187 17.85 -5.20 -20.89
C PRO B 187 18.66 -4.46 -21.97
N GLU B 188 18.16 -3.30 -22.39
CA GLU B 188 18.83 -2.50 -23.41
C GLU B 188 20.19 -1.99 -22.91
N GLN B 189 20.20 -1.43 -21.71
CA GLN B 189 21.43 -0.89 -21.14
C GLN B 189 22.46 -1.99 -20.93
N TRP B 190 21.99 -3.18 -20.61
CA TRP B 190 22.90 -4.31 -20.42
C TRP B 190 23.58 -4.65 -21.73
N LYS B 191 22.80 -4.75 -22.80
CA LYS B 191 23.33 -5.15 -24.11
C LYS B 191 24.11 -4.03 -24.79
N SER B 192 23.81 -2.78 -24.46
CA SER B 192 24.37 -1.64 -25.17
C SER B 192 25.73 -1.20 -24.62
N HIS B 193 26.28 -1.99 -23.70
CA HIS B 193 27.60 -1.71 -23.16
C HIS B 193 28.54 -2.90 -23.34
N LYS B 194 29.84 -2.62 -23.29
CA LYS B 194 30.85 -3.66 -23.43
C LYS B 194 30.98 -4.47 -22.14
N SER B 195 30.80 -3.80 -21.00
CA SER B 195 30.95 -4.44 -19.70
C SER B 195 30.45 -3.56 -18.55
N TYR B 196 30.18 -4.22 -17.42
CA TYR B 196 29.90 -3.52 -16.18
C TYR B 196 30.87 -3.99 -15.09
N SER B 197 31.26 -3.08 -14.21
CA SER B 197 32.21 -3.38 -13.16
C SER B 197 31.74 -2.98 -11.77
N CYS B 198 31.97 -3.88 -10.83
CA CYS B 198 31.68 -3.62 -9.43
C CYS B 198 32.98 -3.49 -8.66
N GLN B 199 33.24 -2.30 -8.12
CA GLN B 199 34.49 -2.03 -7.40
C GLN B 199 34.24 -1.96 -5.89
N VAL B 200 34.94 -2.82 -5.16
CA VAL B 200 34.81 -2.84 -3.70
C VAL B 200 36.08 -2.35 -3.04
N THR B 201 35.95 -1.32 -2.21
CA THR B 201 37.09 -0.77 -1.47
C THR B 201 37.02 -1.18 -0.02
N HIS B 202 38.14 -1.70 0.46
CA HIS B 202 38.25 -2.23 1.81
C HIS B 202 39.61 -1.88 2.39
N GLU B 203 39.60 -1.10 3.48
CA GLU B 203 40.83 -0.67 4.15
C GLU B 203 41.75 0.00 3.13
N GLY B 204 41.14 0.74 2.21
CA GLY B 204 41.90 1.54 1.25
C GLY B 204 42.25 0.84 -0.06
N SER B 205 42.01 -0.47 -0.13
CA SER B 205 42.37 -1.23 -1.33
C SER B 205 41.14 -1.67 -2.12
N THR B 206 41.18 -1.43 -3.43
CA THR B 206 40.02 -1.70 -4.27
C THR B 206 40.16 -3.01 -5.02
N VAL B 207 39.10 -3.81 -5.00
CA VAL B 207 39.03 -5.01 -5.82
C VAL B 207 37.90 -4.86 -6.84
N GLU B 208 38.19 -5.20 -8.09
CA GLU B 208 37.24 -5.00 -9.17
C GLU B 208 36.86 -6.31 -9.86
N LYS B 209 35.55 -6.58 -9.98
CA LYS B 209 35.08 -7.70 -10.79
C LYS B 209 34.22 -7.17 -11.91
N THR B 210 34.27 -7.85 -13.06
CA THR B 210 33.62 -7.37 -14.26
C THR B 210 32.91 -8.50 -14.97
N VAL B 211 31.73 -8.20 -15.51
CA VAL B 211 31.00 -9.15 -16.33
C VAL B 211 30.63 -8.46 -17.64
N ALA B 212 30.38 -9.25 -18.67
CA ALA B 212 30.06 -8.71 -19.99
C ALA B 212 28.93 -9.52 -20.63
N PRO B 213 28.15 -8.88 -21.51
CA PRO B 213 27.10 -9.58 -22.27
C PRO B 213 27.65 -10.33 -23.47
N GLN C 1 -35.27 -26.96 6.83
CA GLN C 1 -34.08 -27.70 7.25
C GLN C 1 -32.81 -27.16 6.57
N VAL C 2 -32.80 -27.03 5.23
CA VAL C 2 -31.55 -26.68 4.55
C VAL C 2 -31.02 -25.28 4.92
N GLN C 3 -29.85 -25.25 5.52
CA GLN C 3 -29.26 -24.02 6.06
C GLN C 3 -27.77 -23.90 5.72
N LEU C 4 -27.34 -22.68 5.39
CA LEU C 4 -25.93 -22.37 5.09
C LEU C 4 -25.47 -21.14 5.88
N VAL C 5 -24.49 -21.32 6.77
CA VAL C 5 -24.03 -20.24 7.62
C VAL C 5 -22.62 -19.82 7.27
N GLN C 6 -22.44 -18.58 6.81
CA GLN C 6 -21.11 -18.14 6.39
C GLN C 6 -20.40 -17.29 7.44
N SER C 7 -19.07 -17.41 7.43
CA SER C 7 -18.22 -16.66 8.34
C SER C 7 -18.29 -15.16 8.07
N GLY C 8 -17.80 -14.38 9.02
CA GLY C 8 -17.93 -12.94 9.00
C GLY C 8 -17.04 -12.17 8.04
N SER C 9 -17.32 -10.88 7.89
CA SER C 9 -16.67 -10.05 6.88
C SER C 9 -15.16 -10.00 7.07
N GLU C 10 -14.44 -9.81 5.97
CA GLU C 10 -12.97 -9.77 6.03
C GLU C 10 -12.41 -8.46 5.49
N LEU C 11 -11.40 -7.96 6.16
CA LEU C 11 -10.64 -6.81 5.69
C LEU C 11 -9.19 -7.23 5.49
N LYS C 12 -8.72 -7.16 4.25
CA LYS C 12 -7.43 -7.72 3.86
C LYS C 12 -6.60 -6.73 3.04
N LYS C 13 -5.29 -6.72 3.25
CA LYS C 13 -4.40 -5.93 2.44
C LYS C 13 -4.11 -6.65 1.14
N PRO C 14 -3.75 -5.89 0.09
CA PRO C 14 -3.38 -6.54 -1.18
C PRO C 14 -2.22 -7.52 -0.98
N GLY C 15 -2.30 -8.67 -1.62
CA GLY C 15 -1.23 -9.64 -1.56
C GLY C 15 -1.48 -10.67 -0.48
N ALA C 16 -2.34 -10.34 0.46
CA ALA C 16 -2.70 -11.30 1.50
C ALA C 16 -3.62 -12.40 0.95
N SER C 17 -4.02 -13.32 1.83
CA SER C 17 -4.93 -14.39 1.46
C SER C 17 -6.08 -14.45 2.45
N VAL C 18 -7.17 -15.10 2.08
CA VAL C 18 -8.30 -15.21 2.98
C VAL C 18 -9.02 -16.55 2.80
N LYS C 19 -9.58 -17.06 3.89
CA LYS C 19 -10.32 -18.32 3.87
C LYS C 19 -11.73 -18.09 4.42
N VAL C 20 -12.72 -18.26 3.56
CA VAL C 20 -14.12 -18.05 3.92
C VAL C 20 -14.81 -19.38 4.16
N SER C 21 -15.61 -19.47 5.21
CA SER C 21 -16.23 -20.74 5.53
C SER C 21 -17.76 -20.71 5.34
N CYS C 22 -18.29 -21.87 5.01
CA CYS C 22 -19.70 -22.07 4.71
C CYS C 22 -20.15 -23.35 5.41
N LYS C 23 -20.71 -23.19 6.61
CA LYS C 23 -21.16 -24.31 7.42
C LYS C 23 -22.58 -24.74 7.05
N ALA C 24 -22.73 -25.98 6.60
CA ALA C 24 -24.00 -26.47 6.10
C ALA C 24 -24.70 -27.36 7.12
N SER C 25 -26.03 -27.34 7.12
CA SER C 25 -26.81 -28.18 8.02
C SER C 25 -28.21 -28.47 7.45
N GLY C 26 -28.91 -29.41 8.09
CA GLY C 26 -30.27 -29.73 7.70
C GLY C 26 -30.44 -30.64 6.49
N TYR C 27 -29.35 -31.24 6.01
CA TYR C 27 -29.42 -32.19 4.91
C TYR C 27 -28.13 -33.01 4.84
N SER C 28 -28.12 -34.08 4.04
CA SER C 28 -26.93 -34.92 3.89
C SER C 28 -25.85 -34.16 3.13
N PHE C 29 -24.83 -33.72 3.86
CA PHE C 29 -23.84 -32.81 3.30
C PHE C 29 -23.13 -33.34 2.07
N THR C 30 -22.75 -34.62 2.11
CA THR C 30 -21.96 -35.18 1.02
C THR C 30 -22.82 -35.76 -0.11
N SER C 31 -24.14 -35.57 -0.05
CA SER C 31 -25.00 -36.03 -1.14
C SER C 31 -25.28 -34.92 -2.15
N TYR C 32 -24.85 -33.69 -1.83
CA TYR C 32 -25.19 -32.53 -2.65
C TYR C 32 -24.05 -31.54 -2.78
N SER C 33 -23.83 -31.01 -3.99
CA SER C 33 -22.74 -30.09 -4.26
C SER C 33 -22.96 -28.72 -3.63
N ILE C 34 -21.85 -28.00 -3.43
CA ILE C 34 -21.86 -26.59 -3.08
C ILE C 34 -21.46 -25.78 -4.32
N ASN C 35 -22.23 -24.74 -4.63
CA ASN C 35 -21.83 -23.81 -5.67
C ASN C 35 -21.33 -22.51 -5.04
N TRP C 36 -20.48 -21.77 -5.74
CA TRP C 36 -19.97 -20.49 -5.24
C TRP C 36 -20.22 -19.38 -6.24
N VAL C 37 -20.64 -18.24 -5.71
CA VAL C 37 -21.05 -17.08 -6.51
C VAL C 37 -20.53 -15.83 -5.79
N ARG C 38 -20.07 -14.85 -6.54
CA ARG C 38 -19.72 -13.57 -5.92
C ARG C 38 -20.47 -12.45 -6.58
N GLN C 39 -20.52 -11.30 -5.90
CA GLN C 39 -21.05 -10.08 -6.49
C GLN C 39 -20.18 -8.89 -6.07
N ALA C 40 -19.53 -8.27 -7.05
CA ALA C 40 -18.71 -7.10 -6.81
C ALA C 40 -19.58 -5.85 -6.81
N PRO C 41 -19.12 -4.77 -6.14
CA PRO C 41 -19.92 -3.54 -5.98
C PRO C 41 -20.60 -3.02 -7.25
N GLY C 42 -19.94 -3.13 -8.40
CA GLY C 42 -20.45 -2.51 -9.60
C GLY C 42 -21.45 -3.28 -10.43
N GLN C 43 -21.62 -4.58 -10.17
CA GLN C 43 -22.33 -5.41 -11.14
C GLN C 43 -23.13 -6.60 -10.62
N GLY C 44 -23.62 -7.39 -11.57
CA GLY C 44 -24.43 -8.55 -11.27
C GLY C 44 -23.59 -9.66 -10.68
N PRO C 45 -24.25 -10.67 -10.10
CA PRO C 45 -23.52 -11.80 -9.55
C PRO C 45 -22.66 -12.48 -10.61
N GLU C 46 -21.60 -13.15 -10.16
CA GLU C 46 -20.72 -13.94 -11.02
C GLU C 46 -20.49 -15.33 -10.42
N TRP C 47 -20.83 -16.35 -11.19
CA TRP C 47 -20.69 -17.74 -10.76
C TRP C 47 -19.22 -18.16 -10.84
N MET C 48 -18.72 -18.72 -9.75
CA MET C 48 -17.29 -19.06 -9.63
C MET C 48 -16.98 -20.53 -9.91
N GLY C 49 -17.99 -21.38 -9.76
CA GLY C 49 -17.78 -22.80 -9.92
C GLY C 49 -18.49 -23.60 -8.85
N TRP C 50 -18.16 -24.87 -8.74
CA TRP C 50 -18.79 -25.73 -7.77
C TRP C 50 -17.84 -26.83 -7.30
N ILE C 51 -18.17 -27.46 -6.17
CA ILE C 51 -17.39 -28.57 -5.68
C ILE C 51 -18.30 -29.77 -5.39
N ASP C 52 -17.86 -30.95 -5.84
CA ASP C 52 -18.52 -32.21 -5.55
C ASP C 52 -18.18 -32.52 -4.09
N THR C 53 -19.19 -32.60 -3.23
CA THR C 53 -18.97 -32.78 -1.80
C THR C 53 -18.73 -34.22 -1.43
N ASN C 54 -18.90 -35.11 -2.40
CA ASN C 54 -18.61 -36.53 -2.21
C ASN C 54 -17.16 -36.86 -2.61
N THR C 55 -16.78 -36.52 -3.84
CA THR C 55 -15.43 -36.82 -4.32
C THR C 55 -14.43 -35.76 -3.87
N GLY C 56 -14.93 -34.55 -3.62
CA GLY C 56 -14.07 -33.45 -3.21
C GLY C 56 -13.49 -32.65 -4.35
N ASN C 57 -13.78 -33.06 -5.60
CA ASN C 57 -13.25 -32.36 -6.76
C ASN C 57 -13.99 -31.06 -7.07
N PRO C 58 -13.25 -29.97 -7.21
CA PRO C 58 -13.85 -28.70 -7.62
C PRO C 58 -13.79 -28.52 -9.12
N THR C 59 -14.79 -27.83 -9.66
CA THR C 59 -14.77 -27.36 -11.03
C THR C 59 -14.88 -25.83 -10.96
N TYR C 60 -14.10 -25.15 -11.79
CA TYR C 60 -14.00 -23.70 -11.72
C TYR C 60 -14.50 -23.06 -13.00
N ALA C 61 -15.30 -22.01 -12.86
CA ALA C 61 -15.58 -21.13 -13.99
C ALA C 61 -14.25 -20.62 -14.55
N GLN C 62 -14.24 -20.30 -15.83
CA GLN C 62 -13.03 -19.83 -16.50
C GLN C 62 -12.25 -18.75 -15.72
N ASP C 63 -10.96 -19.03 -15.52
CA ASP C 63 -9.98 -18.17 -14.84
C ASP C 63 -10.06 -18.09 -13.32
N PHE C 64 -10.77 -18.99 -12.67
CA PHE C 64 -10.84 -18.94 -11.25
C PHE C 64 -9.91 -19.99 -10.67
N ALA C 65 -9.59 -21.00 -11.45
CA ALA C 65 -8.66 -22.01 -11.00
C ALA C 65 -7.31 -21.32 -10.71
N GLY C 66 -6.65 -21.70 -9.64
CA GLY C 66 -5.40 -21.02 -9.38
C GLY C 66 -5.68 -19.60 -8.94
N ARG C 67 -5.62 -19.45 -7.64
CA ARG C 67 -5.88 -18.25 -6.88
C ARG C 67 -7.08 -18.54 -6.02
N PHE C 68 -8.13 -19.10 -6.64
CA PHE C 68 -9.29 -19.52 -5.86
C PHE C 68 -9.35 -21.01 -5.63
N VAL C 69 -9.61 -21.39 -4.40
CA VAL C 69 -9.61 -22.82 -4.08
C VAL C 69 -10.81 -23.20 -3.24
N PHE C 70 -11.64 -24.10 -3.80
CA PHE C 70 -12.74 -24.69 -3.07
C PHE C 70 -12.27 -25.91 -2.30
N SER C 71 -12.63 -25.99 -1.03
CA SER C 71 -12.27 -27.20 -0.26
C SER C 71 -13.38 -27.56 0.72
N LEU C 72 -13.19 -28.65 1.45
CA LEU C 72 -14.21 -29.24 2.32
C LEU C 72 -13.63 -29.74 3.63
N ASP C 73 -14.44 -29.67 4.69
CA ASP C 73 -14.18 -30.48 5.88
C ASP C 73 -15.47 -31.21 6.22
N THR C 74 -15.56 -32.44 5.73
CA THR C 74 -16.76 -33.25 5.86
C THR C 74 -17.17 -33.48 7.31
N SER C 75 -16.19 -33.59 8.22
CA SER C 75 -16.50 -33.87 9.63
C SER C 75 -17.36 -32.76 10.28
N VAL C 76 -17.22 -31.53 9.82
CA VAL C 76 -18.04 -30.45 10.36
C VAL C 76 -18.95 -29.86 9.28
N THR C 77 -19.21 -30.67 8.25
CA THR C 77 -20.00 -30.32 7.08
C THR C 77 -19.86 -28.83 6.70
N THR C 78 -18.61 -28.42 6.53
CA THR C 78 -18.28 -27.06 6.15
C THR C 78 -17.54 -27.06 4.81
N ALA C 79 -17.89 -26.10 3.95
CA ALA C 79 -17.17 -25.87 2.70
C ALA C 79 -16.37 -24.57 2.81
N TYR C 80 -15.19 -24.55 2.17
CA TYR C 80 -14.34 -23.38 2.26
C TYR C 80 -14.00 -22.80 0.90
N LEU C 81 -13.82 -21.49 0.87
CA LEU C 81 -13.24 -20.80 -0.26
C LEU C 81 -11.97 -20.07 0.18
N GLN C 82 -10.87 -20.38 -0.48
CA GLN C 82 -9.61 -19.72 -0.21
C GLN C 82 -9.20 -18.87 -1.41
N ILE C 83 -8.84 -17.61 -1.15
CA ILE C 83 -8.32 -16.73 -2.18
C ILE C 83 -6.93 -16.28 -1.76
N SER C 84 -5.96 -16.46 -2.66
CA SER C 84 -4.57 -16.09 -2.39
C SER C 84 -4.19 -14.88 -3.22
N SER C 85 -3.13 -14.19 -2.83
CA SER C 85 -2.66 -12.99 -3.56
C SER C 85 -3.79 -12.01 -3.89
N LEU C 86 -4.55 -11.63 -2.86
CA LEU C 86 -5.73 -10.78 -3.06
C LEU C 86 -5.39 -9.50 -3.80
N LYS C 87 -6.30 -9.06 -4.67
CA LYS C 87 -6.14 -7.75 -5.29
C LYS C 87 -7.42 -6.96 -5.12
N ALA C 88 -7.37 -5.66 -5.40
CA ALA C 88 -8.52 -4.79 -5.15
C ALA C 88 -9.76 -5.32 -5.88
N GLY C 89 -9.55 -5.86 -7.07
CA GLY C 89 -10.62 -6.41 -7.86
C GLY C 89 -11.27 -7.66 -7.29
N ASP C 90 -10.74 -8.21 -6.20
CA ASP C 90 -11.39 -9.35 -5.55
C ASP C 90 -12.46 -8.91 -4.54
N THR C 91 -12.52 -7.60 -4.27
CA THR C 91 -13.49 -7.06 -3.31
C THR C 91 -14.89 -7.37 -3.79
N ALA C 92 -15.64 -8.09 -2.96
CA ALA C 92 -16.97 -8.55 -3.34
C ALA C 92 -17.62 -9.26 -2.18
N VAL C 93 -18.91 -9.55 -2.33
CA VAL C 93 -19.59 -10.42 -1.41
C VAL C 93 -19.47 -11.83 -1.97
N TYR C 94 -19.02 -12.79 -1.17
CA TYR C 94 -18.89 -14.16 -1.64
C TYR C 94 -19.95 -15.06 -1.03
N TYR C 95 -20.67 -15.78 -1.90
CA TYR C 95 -21.81 -16.60 -1.52
C TYR C 95 -21.57 -18.08 -1.78
N CYS C 96 -21.91 -18.94 -0.83
CA CYS C 96 -22.02 -20.36 -1.11
C CYS C 96 -23.51 -20.69 -1.34
N ALA C 97 -23.76 -21.77 -2.07
CA ALA C 97 -25.14 -22.11 -2.42
C ALA C 97 -25.30 -23.63 -2.56
N THR C 98 -26.52 -24.11 -2.37
CA THR C 98 -26.80 -25.53 -2.64
C THR C 98 -28.28 -25.70 -3.03
N TYR C 99 -28.76 -26.94 -2.99
CA TYR C 99 -30.10 -27.28 -3.48
C TYR C 99 -31.19 -27.23 -2.40
N TYR C 100 -32.42 -26.92 -2.80
CA TYR C 100 -33.56 -27.36 -2.00
C TYR C 100 -33.60 -28.88 -2.18
N VAL C 101 -33.00 -29.63 -1.25
CA VAL C 101 -32.68 -31.03 -1.53
C VAL C 101 -33.93 -31.87 -1.75
N ASP C 102 -35.08 -31.40 -1.25
CA ASP C 102 -36.36 -32.08 -1.44
C ASP C 102 -36.78 -32.12 -2.91
N LEU C 103 -36.31 -31.16 -3.70
CA LEU C 103 -36.71 -31.10 -5.11
C LEU C 103 -35.72 -31.81 -6.02
N TRP C 104 -34.68 -32.38 -5.42
CA TRP C 104 -33.56 -32.88 -6.19
C TRP C 104 -33.20 -34.33 -5.87
N GLY C 105 -34.19 -35.21 -5.89
CA GLY C 105 -33.97 -36.64 -5.71
C GLY C 105 -33.30 -36.99 -4.40
N SER C 106 -32.25 -37.81 -4.46
CA SER C 106 -31.56 -38.24 -3.25
C SER C 106 -30.08 -37.84 -3.25
N TYR C 107 -29.61 -37.34 -4.40
CA TYR C 107 -28.19 -37.08 -4.61
C TYR C 107 -28.08 -36.21 -5.84
N ARG C 108 -27.29 -35.14 -5.77
CA ARG C 108 -27.02 -34.34 -6.95
C ARG C 108 -25.73 -33.58 -6.79
N GLN C 109 -24.82 -33.82 -7.73
CA GLN C 109 -23.52 -33.18 -7.72
C GLN C 109 -23.28 -32.49 -9.05
N ASP C 110 -23.92 -31.34 -9.26
CA ASP C 110 -23.73 -30.59 -10.50
C ASP C 110 -23.90 -29.09 -10.26
N TYR C 111 -24.00 -28.34 -11.35
CA TYR C 111 -24.01 -26.88 -11.25
C TYR C 111 -25.40 -26.30 -10.93
N TYR C 112 -26.39 -27.15 -10.69
CA TYR C 112 -27.73 -26.65 -10.36
C TYR C 112 -27.92 -26.39 -8.86
N GLY C 113 -26.86 -26.56 -8.07
CA GLY C 113 -26.97 -26.35 -6.63
C GLY C 113 -26.99 -24.87 -6.29
N MET C 114 -28.04 -24.19 -6.76
CA MET C 114 -28.13 -22.72 -6.70
C MET C 114 -29.47 -22.22 -6.14
N ASP C 115 -30.12 -23.04 -5.31
CA ASP C 115 -31.45 -22.73 -4.79
C ASP C 115 -31.37 -21.91 -3.50
N VAL C 116 -30.55 -22.39 -2.59
CA VAL C 116 -30.41 -21.84 -1.24
C VAL C 116 -29.03 -21.22 -1.11
N TRP C 117 -28.95 -19.92 -0.82
CA TRP C 117 -27.67 -19.22 -0.68
C TRP C 117 -27.44 -18.81 0.76
N GLY C 118 -26.17 -18.77 1.17
CA GLY C 118 -25.82 -18.19 2.44
C GLY C 118 -26.03 -16.68 2.44
N HIS C 119 -25.86 -16.05 3.60
CA HIS C 119 -25.99 -14.61 3.70
C HIS C 119 -24.84 -13.91 2.95
N GLY C 120 -23.81 -14.67 2.61
CA GLY C 120 -22.66 -14.10 1.93
C GLY C 120 -21.59 -13.56 2.88
N THR C 121 -20.34 -13.61 2.43
CA THR C 121 -19.23 -13.07 3.20
C THR C 121 -18.55 -11.96 2.42
N LEU C 122 -18.58 -10.74 2.95
CA LEU C 122 -17.87 -9.63 2.33
C LEU C 122 -16.38 -9.79 2.49
N VAL C 123 -15.66 -9.75 1.37
CA VAL C 123 -14.21 -9.65 1.43
C VAL C 123 -13.78 -8.35 0.79
N THR C 124 -13.15 -7.50 1.59
CA THR C 124 -12.66 -6.21 1.15
C THR C 124 -11.13 -6.19 1.09
N VAL C 125 -10.56 -5.83 -0.05
CA VAL C 125 -9.13 -5.72 -0.18
C VAL C 125 -8.71 -4.26 -0.34
N SER C 126 -7.99 -3.77 0.66
CA SER C 126 -7.46 -2.39 0.62
C SER C 126 -6.26 -2.15 1.50
N SER C 127 -5.44 -1.20 1.07
CA SER C 127 -4.30 -0.80 1.88
C SER C 127 -4.50 0.62 2.41
N ALA C 128 -5.75 1.05 2.50
CA ALA C 128 -6.05 2.38 3.01
C ALA C 128 -5.64 2.51 4.48
N SER C 129 -4.98 3.61 4.80
CA SER C 129 -4.72 4.00 6.17
C SER C 129 -5.10 5.47 6.33
N THR C 130 -5.19 5.94 7.57
CA THR C 130 -5.62 7.32 7.85
C THR C 130 -4.88 8.33 6.97
N LYS C 131 -5.66 9.14 6.26
CA LYS C 131 -5.12 10.09 5.30
C LYS C 131 -6.09 11.25 5.11
N GLY C 132 -5.58 12.48 5.23
CA GLY C 132 -6.40 13.66 5.08
C GLY C 132 -6.79 13.91 3.63
N PRO C 133 -7.87 14.66 3.40
CA PRO C 133 -8.34 14.90 2.05
C PRO C 133 -7.57 16.00 1.33
N SER C 134 -7.51 15.88 0.03
CA SER C 134 -7.17 17.02 -0.82
C SER C 134 -8.48 17.75 -1.13
N VAL C 135 -8.45 19.08 -1.14
CA VAL C 135 -9.66 19.85 -1.43
C VAL C 135 -9.49 20.76 -2.66
N PHE C 136 -10.38 20.61 -3.63
CA PHE C 136 -10.35 21.44 -4.84
C PHE C 136 -11.68 22.16 -5.05
N PRO C 137 -11.63 23.41 -5.53
CA PRO C 137 -12.83 24.19 -5.84
C PRO C 137 -13.49 23.65 -7.09
N LEU C 138 -14.81 23.61 -7.09
CA LEU C 138 -15.54 23.22 -8.29
C LEU C 138 -16.23 24.46 -8.83
N ALA C 139 -15.65 25.06 -9.86
CA ALA C 139 -16.12 26.37 -10.33
C ALA C 139 -17.26 26.28 -11.33
N PRO C 140 -18.15 27.29 -11.31
CA PRO C 140 -19.24 27.41 -12.28
C PRO C 140 -18.94 28.43 -13.39
N GLY C 147 -30.34 26.85 -17.95
CA GLY C 147 -30.13 28.21 -17.50
C GLY C 147 -30.83 28.50 -16.17
N GLY C 148 -30.69 29.73 -15.70
CA GLY C 148 -31.32 30.14 -14.45
C GLY C 148 -30.54 29.79 -13.19
N THR C 149 -30.18 28.52 -13.03
CA THR C 149 -29.42 28.10 -11.85
C THR C 149 -28.06 27.52 -12.22
N ALA C 150 -27.07 27.80 -11.38
CA ALA C 150 -25.75 27.24 -11.55
C ALA C 150 -25.33 26.57 -10.26
N ALA C 151 -24.34 25.69 -10.38
CA ALA C 151 -23.82 24.97 -9.23
C ALA C 151 -22.34 25.29 -9.05
N LEU C 152 -21.96 25.49 -7.79
CA LEU C 152 -20.56 25.64 -7.42
C LEU C 152 -20.33 24.69 -6.25
N GLY C 153 -19.09 24.27 -6.02
CA GLY C 153 -18.84 23.38 -4.89
C GLY C 153 -17.40 23.12 -4.55
N CYS C 154 -17.18 22.09 -3.74
CA CYS C 154 -15.85 21.63 -3.39
C CYS C 154 -15.74 20.12 -3.58
N LEU C 155 -14.63 19.71 -4.17
CA LEU C 155 -14.28 18.31 -4.30
C LEU C 155 -13.35 17.94 -3.16
N VAL C 156 -13.81 17.02 -2.31
CA VAL C 156 -13.04 16.52 -1.18
C VAL C 156 -12.50 15.14 -1.52
N LYS C 157 -11.19 15.06 -1.78
CA LYS C 157 -10.66 13.92 -2.52
C LYS C 157 -9.66 13.08 -1.73
N ASP C 158 -9.82 11.76 -1.84
CA ASP C 158 -8.86 10.78 -1.33
C ASP C 158 -8.55 10.89 0.16
N TYR C 159 -9.53 10.55 1.00
CA TYR C 159 -9.33 10.58 2.44
C TYR C 159 -9.78 9.28 3.09
N PHE C 160 -9.22 9.00 4.27
CA PHE C 160 -9.58 7.82 5.04
C PHE C 160 -9.27 8.09 6.50
N PRO C 161 -10.14 7.64 7.40
CA PRO C 161 -11.45 7.05 7.11
C PRO C 161 -12.54 8.11 7.11
N GLU C 162 -13.78 7.66 7.01
CA GLU C 162 -14.94 8.50 7.21
C GLU C 162 -14.97 8.94 8.67
N PRO C 163 -15.66 10.05 8.99
CA PRO C 163 -16.37 10.94 8.07
C PRO C 163 -15.56 12.20 7.74
N VAL C 164 -16.06 12.93 6.75
CA VAL C 164 -15.63 14.30 6.49
C VAL C 164 -16.84 15.18 6.70
N THR C 165 -16.67 16.28 7.43
CA THR C 165 -17.73 17.28 7.55
C THR C 165 -17.47 18.43 6.59
N VAL C 166 -18.49 18.85 5.86
CA VAL C 166 -18.37 20.04 5.04
C VAL C 166 -19.43 21.06 5.46
N SER C 167 -18.98 22.28 5.70
CA SER C 167 -19.90 23.38 5.91
C SER C 167 -19.63 24.46 4.88
N TRP C 168 -20.57 25.40 4.72
CA TRP C 168 -20.35 26.52 3.81
C TRP C 168 -20.48 27.85 4.58
N ASN C 169 -19.50 28.74 4.36
CA ASN C 169 -19.40 30.01 5.07
C ASN C 169 -19.52 29.84 6.57
N SER C 170 -18.75 28.88 7.08
CA SER C 170 -18.67 28.57 8.50
C SER C 170 -20.01 28.13 9.07
N GLY C 171 -20.84 27.52 8.22
CA GLY C 171 -22.14 27.05 8.64
C GLY C 171 -23.29 28.05 8.46
N ALA C 172 -22.97 29.27 8.02
CA ALA C 172 -24.02 30.29 7.86
C ALA C 172 -24.89 29.99 6.63
N LEU C 173 -24.27 29.42 5.60
CA LEU C 173 -24.96 29.12 4.35
C LEU C 173 -25.48 27.70 4.32
N THR C 174 -26.80 27.57 4.35
CA THR C 174 -27.43 26.27 4.35
C THR C 174 -28.33 26.07 3.14
N SER C 175 -28.93 27.15 2.66
CA SER C 175 -29.89 27.07 1.56
C SER C 175 -29.19 26.67 0.27
N GLY C 176 -29.71 25.66 -0.41
CA GLY C 176 -29.11 25.21 -1.66
C GLY C 176 -27.87 24.36 -1.52
N VAL C 177 -27.57 23.92 -0.30
CA VAL C 177 -26.36 23.11 -0.04
C VAL C 177 -26.70 21.64 -0.12
N HIS C 178 -25.92 20.88 -0.89
CA HIS C 178 -26.08 19.44 -0.94
C HIS C 178 -24.70 18.81 -0.87
N THR C 179 -24.40 18.15 0.24
CA THR C 179 -23.18 17.38 0.39
C THR C 179 -23.48 15.91 0.06
N PHE C 180 -22.89 15.40 -1.00
CA PHE C 180 -23.21 14.05 -1.48
C PHE C 180 -22.51 12.96 -0.66
N PRO C 181 -23.14 11.78 -0.55
CA PRO C 181 -22.41 10.69 0.09
C PRO C 181 -21.15 10.36 -0.69
N ALA C 182 -20.11 9.93 0.03
CA ALA C 182 -18.81 9.65 -0.54
C ALA C 182 -18.81 8.41 -1.44
N VAL C 183 -17.96 8.39 -2.46
CA VAL C 183 -17.66 7.16 -3.18
C VAL C 183 -16.56 6.41 -2.43
N LEU C 184 -16.68 5.10 -2.33
CA LEU C 184 -15.56 4.30 -1.87
C LEU C 184 -14.81 3.81 -3.10
N GLN C 185 -13.61 4.34 -3.28
CA GLN C 185 -12.79 4.00 -4.43
C GLN C 185 -12.18 2.61 -4.25
N SER C 186 -11.71 2.01 -5.33
CA SER C 186 -11.11 0.67 -5.24
C SER C 186 -9.83 0.73 -4.41
N SER C 187 -9.26 1.93 -4.30
CA SER C 187 -8.09 2.14 -3.44
C SER C 187 -8.42 1.94 -1.96
N GLY C 188 -9.70 2.02 -1.62
CA GLY C 188 -10.11 2.01 -0.23
C GLY C 188 -10.17 3.43 0.34
N LEU C 189 -9.83 4.42 -0.48
CA LEU C 189 -9.94 5.82 -0.09
C LEU C 189 -11.30 6.38 -0.51
N TYR C 190 -11.76 7.40 0.22
CA TYR C 190 -13.05 8.02 -0.09
C TYR C 190 -12.87 9.33 -0.80
N SER C 191 -13.86 9.69 -1.61
CA SER C 191 -13.95 11.07 -2.10
C SER C 191 -15.42 11.48 -2.10
N LEU C 192 -15.68 12.75 -1.83
CA LEU C 192 -17.04 13.27 -1.93
C LEU C 192 -17.04 14.68 -2.51
N SER C 193 -18.24 15.16 -2.81
CA SER C 193 -18.40 16.53 -3.25
C SER C 193 -19.56 17.20 -2.53
N SER C 194 -19.41 18.50 -2.29
CA SER C 194 -20.47 19.30 -1.73
C SER C 194 -20.71 20.48 -2.64
N VAL C 195 -21.98 20.74 -2.93
CA VAL C 195 -22.33 21.68 -3.97
C VAL C 195 -23.33 22.72 -3.43
N VAL C 196 -23.24 23.94 -3.92
CA VAL C 196 -24.28 24.93 -3.65
C VAL C 196 -24.95 25.31 -4.96
N THR C 197 -26.27 25.20 -4.99
CA THR C 197 -27.06 25.60 -6.15
C THR C 197 -27.52 27.03 -5.95
N VAL C 198 -27.24 27.89 -6.93
CA VAL C 198 -27.48 29.33 -6.83
C VAL C 198 -27.98 29.86 -8.16
N PRO C 199 -28.56 31.07 -8.17
CA PRO C 199 -28.93 31.67 -9.46
C PRO C 199 -27.71 31.97 -10.32
N SER C 200 -27.85 31.83 -11.64
CA SER C 200 -26.76 32.16 -12.57
C SER C 200 -26.26 33.59 -12.38
N SER C 201 -27.17 34.50 -12.06
CA SER C 201 -26.84 35.91 -11.85
C SER C 201 -25.82 36.10 -10.74
N SER C 202 -25.96 35.32 -9.67
CA SER C 202 -25.18 35.54 -8.47
C SER C 202 -23.71 35.14 -8.58
N LEU C 203 -23.34 34.52 -9.70
CA LEU C 203 -22.13 33.68 -9.78
C LEU C 203 -20.86 34.26 -9.16
N GLY C 204 -20.38 35.38 -9.66
CA GLY C 204 -19.12 35.92 -9.16
C GLY C 204 -19.25 37.15 -8.28
N THR C 205 -20.36 37.24 -7.55
CA THR C 205 -20.73 38.46 -6.83
C THR C 205 -20.92 38.26 -5.33
N GLN C 206 -20.83 37.02 -4.87
CA GLN C 206 -21.07 36.69 -3.47
C GLN C 206 -20.00 35.69 -3.02
N THR C 207 -19.65 35.72 -1.73
CA THR C 207 -18.59 34.85 -1.22
C THR C 207 -19.10 33.48 -0.80
N TYR C 208 -18.44 32.44 -1.31
CA TYR C 208 -18.71 31.07 -0.92
C TYR C 208 -17.41 30.41 -0.51
N ILE C 209 -17.35 29.92 0.73
CA ILE C 209 -16.16 29.26 1.24
C ILE C 209 -16.55 27.91 1.82
N CYS C 210 -16.01 26.82 1.31
CA CYS C 210 -16.34 25.56 1.93
C CYS C 210 -15.34 25.29 3.03
N ASN C 211 -15.84 24.80 4.15
CA ASN C 211 -15.03 24.46 5.30
C ASN C 211 -15.01 22.95 5.49
N VAL C 212 -13.86 22.33 5.27
CA VAL C 212 -13.78 20.86 5.31
C VAL C 212 -13.06 20.41 6.56
N ASN C 213 -13.69 19.51 7.30
CA ASN C 213 -13.10 19.00 8.53
C ASN C 213 -12.93 17.48 8.47
N HIS C 214 -11.70 17.02 8.62
CA HIS C 214 -11.43 15.59 8.70
C HIS C 214 -10.71 15.31 10.01
N LYS C 215 -11.49 15.08 11.05
CA LYS C 215 -10.98 14.91 12.40
C LYS C 215 -9.94 13.80 12.55
N PRO C 216 -10.13 12.64 11.87
CA PRO C 216 -9.14 11.57 12.04
C PRO C 216 -7.69 11.96 11.70
N SER C 217 -7.51 12.79 10.68
CA SER C 217 -6.18 13.25 10.31
C SER C 217 -5.92 14.68 10.79
N ASN C 218 -6.78 15.18 11.67
CA ASN C 218 -6.71 16.56 12.16
C ASN C 218 -6.52 17.58 11.06
N THR C 219 -7.28 17.41 9.99
CA THR C 219 -7.25 18.31 8.85
C THR C 219 -8.41 19.32 8.92
N LYS C 220 -8.10 20.60 8.74
CA LYS C 220 -9.12 21.62 8.51
C LYS C 220 -8.74 22.47 7.30
N VAL C 221 -9.57 22.46 6.27
CA VAL C 221 -9.32 23.26 5.08
C VAL C 221 -10.48 24.21 4.81
N ASP C 222 -10.18 25.49 4.57
CA ASP C 222 -11.16 26.42 4.01
C ASP C 222 -10.77 26.76 2.59
N LYS C 223 -11.71 26.64 1.66
CA LYS C 223 -11.41 26.92 0.26
C LYS C 223 -12.45 27.85 -0.32
N ARG C 224 -12.00 28.99 -0.83
CA ARG C 224 -12.93 29.90 -1.47
C ARG C 224 -13.24 29.45 -2.90
N VAL C 225 -14.49 29.54 -3.29
CA VAL C 225 -14.89 29.15 -4.64
C VAL C 225 -15.44 30.30 -5.47
N GLU C 226 -14.77 30.59 -6.57
CA GLU C 226 -15.08 31.70 -7.48
C GLU C 226 -15.20 31.16 -8.91
N PRO C 227 -15.97 31.85 -9.78
CA PRO C 227 -16.08 31.45 -11.19
C PRO C 227 -14.73 31.48 -11.89
N LYS C 228 -14.68 30.96 -13.11
CA LYS C 228 -13.44 30.81 -13.87
C LYS C 228 -12.48 29.91 -13.12
N SER D 2 -23.66 -6.96 -18.54
CA SER D 2 -24.32 -8.22 -18.23
C SER D 2 -24.80 -8.91 -19.52
N VAL D 3 -24.62 -10.23 -19.60
CA VAL D 3 -24.95 -10.95 -20.82
C VAL D 3 -26.47 -10.99 -21.05
N VAL D 4 -27.23 -11.07 -19.97
CA VAL D 4 -28.67 -11.00 -20.13
C VAL D 4 -29.11 -9.63 -19.63
N THR D 5 -30.13 -9.08 -20.28
CA THR D 5 -30.47 -7.68 -20.15
C THR D 5 -31.78 -7.50 -19.42
N GLN D 6 -31.75 -6.76 -18.32
CA GLN D 6 -32.97 -6.42 -17.59
C GLN D 6 -33.16 -4.91 -17.52
N PRO D 7 -34.42 -4.45 -17.38
CA PRO D 7 -34.61 -3.01 -17.17
C PRO D 7 -34.07 -2.62 -15.79
N PRO D 8 -33.32 -1.51 -15.71
CA PRO D 8 -32.81 -1.09 -14.40
C PRO D 8 -33.90 -0.90 -13.36
N SER D 9 -35.07 -0.42 -13.81
CA SER D 9 -36.15 -0.05 -12.92
C SER D 9 -37.53 -0.53 -13.38
N VAL D 10 -38.24 -1.17 -12.46
CA VAL D 10 -39.65 -1.52 -12.63
C VAL D 10 -40.41 -0.98 -11.42
N SER D 11 -41.65 -0.50 -11.59
CA SER D 11 -42.37 0.10 -10.47
C SER D 11 -43.88 0.21 -10.69
N GLY D 12 -44.59 0.28 -9.57
CA GLY D 12 -46.03 0.53 -9.55
C GLY D 12 -46.49 0.81 -8.13
N THR D 13 -47.76 1.16 -7.97
CA THR D 13 -48.31 1.42 -6.65
C THR D 13 -48.73 0.10 -6.00
N PRO D 14 -48.96 0.09 -4.67
CA PRO D 14 -49.37 -1.15 -4.01
C PRO D 14 -50.56 -1.82 -4.70
N GLY D 15 -50.45 -3.12 -4.93
CA GLY D 15 -51.58 -3.88 -5.47
C GLY D 15 -51.60 -3.99 -6.98
N GLN D 16 -50.78 -3.19 -7.67
CA GLN D 16 -50.73 -3.26 -9.12
C GLN D 16 -49.85 -4.44 -9.55
N GLY D 17 -49.95 -4.81 -10.82
CA GLY D 17 -49.07 -5.83 -11.35
C GLY D 17 -47.94 -5.19 -12.13
N VAL D 18 -46.75 -5.78 -12.04
CA VAL D 18 -45.64 -5.37 -12.87
C VAL D 18 -44.94 -6.63 -13.42
N THR D 19 -44.19 -6.45 -14.50
CA THR D 19 -43.39 -7.53 -15.07
C THR D 19 -41.92 -7.09 -15.25
N ILE D 20 -40.99 -8.01 -14.98
CA ILE D 20 -39.56 -7.77 -15.21
C ILE D 20 -39.06 -8.63 -16.37
N SER D 21 -38.60 -7.99 -17.43
CA SER D 21 -38.12 -8.71 -18.58
C SER D 21 -36.64 -9.08 -18.44
N CYS D 22 -36.25 -10.14 -19.11
CA CYS D 22 -34.88 -10.63 -19.05
C CYS D 22 -34.56 -11.19 -20.42
N SER D 23 -33.79 -10.43 -21.20
CA SER D 23 -33.53 -10.77 -22.59
C SER D 23 -32.16 -11.42 -22.76
N GLY D 24 -32.11 -12.57 -23.44
CA GLY D 24 -30.86 -13.25 -23.68
C GLY D 24 -30.64 -13.63 -25.13
N GLY D 25 -30.09 -14.80 -25.36
CA GLY D 25 -29.82 -15.26 -26.71
C GLY D 25 -30.14 -16.74 -26.86
N SER D 26 -30.01 -17.25 -28.08
CA SER D 26 -30.36 -18.63 -28.37
C SER D 26 -29.59 -19.63 -27.53
N SER D 27 -28.33 -19.31 -27.22
CA SER D 27 -27.46 -20.24 -26.49
C SER D 27 -27.69 -20.29 -24.98
N ASN D 28 -28.38 -19.30 -24.42
CA ASN D 28 -28.70 -19.37 -23.00
C ASN D 28 -30.20 -19.49 -22.77
N ILE D 29 -30.90 -18.36 -22.64
CA ILE D 29 -32.34 -18.38 -22.35
C ILE D 29 -33.09 -19.22 -23.37
N GLY D 30 -32.67 -19.13 -24.62
CA GLY D 30 -33.35 -19.85 -25.69
C GLY D 30 -33.36 -21.35 -25.54
N SER D 31 -32.37 -21.92 -24.86
CA SER D 31 -32.28 -23.38 -24.77
C SER D 31 -32.09 -23.93 -23.34
N ASN D 32 -32.06 -23.05 -22.34
CA ASN D 32 -31.86 -23.47 -20.96
C ASN D 32 -32.89 -22.86 -20.00
N PRO D 33 -33.15 -23.56 -18.87
CA PRO D 33 -34.09 -23.12 -17.82
C PRO D 33 -33.56 -21.89 -17.08
N VAL D 34 -34.46 -20.97 -16.74
CA VAL D 34 -34.06 -19.73 -16.07
C VAL D 34 -34.44 -19.74 -14.59
N ASN D 35 -33.55 -19.22 -13.75
CA ASN D 35 -33.79 -18.97 -12.33
C ASN D 35 -33.99 -17.46 -12.10
N TRP D 36 -34.87 -17.10 -11.16
CA TRP D 36 -35.03 -15.71 -10.74
C TRP D 36 -34.70 -15.58 -9.28
N TYR D 37 -33.89 -14.59 -8.93
CA TYR D 37 -33.52 -14.35 -7.54
C TYR D 37 -34.01 -12.99 -7.05
N GLN D 38 -34.33 -12.91 -5.77
CA GLN D 38 -34.65 -11.65 -5.11
C GLN D 38 -33.55 -11.26 -4.08
N MET D 39 -32.98 -10.06 -4.22
CA MET D 39 -31.98 -9.61 -3.25
C MET D 39 -32.54 -8.46 -2.41
N VAL D 40 -32.64 -8.70 -1.10
CA VAL D 40 -32.98 -7.69 -0.11
C VAL D 40 -31.80 -7.53 0.84
N PRO D 41 -31.31 -6.30 1.04
CA PRO D 41 -30.19 -6.11 1.97
C PRO D 41 -30.53 -6.66 3.35
N GLY D 42 -29.62 -7.45 3.93
CA GLY D 42 -29.81 -8.01 5.25
C GLY D 42 -30.34 -9.42 5.18
N THR D 43 -30.77 -9.80 3.99
CA THR D 43 -31.38 -11.10 3.75
C THR D 43 -30.58 -11.82 2.68
N ALA D 44 -30.27 -13.09 2.92
CA ALA D 44 -29.65 -13.92 1.88
C ALA D 44 -30.45 -13.83 0.59
N PRO D 45 -29.75 -13.84 -0.55
CA PRO D 45 -30.49 -13.89 -1.83
C PRO D 45 -31.46 -15.06 -1.84
N LYS D 46 -32.62 -14.87 -2.44
CA LYS D 46 -33.69 -15.86 -2.35
C LYS D 46 -34.15 -16.29 -3.74
N LEU D 47 -34.22 -17.61 -3.95
CA LEU D 47 -34.78 -18.16 -5.18
C LEU D 47 -36.30 -17.97 -5.18
N LEU D 48 -36.82 -17.29 -6.19
CA LEU D 48 -38.27 -17.10 -6.37
C LEU D 48 -38.84 -18.08 -7.39
N LEU D 49 -38.09 -18.34 -8.45
CA LEU D 49 -38.54 -19.23 -9.51
C LEU D 49 -37.37 -20.04 -10.05
N TYR D 50 -37.61 -21.31 -10.38
CA TYR D 50 -36.62 -22.17 -11.05
C TYR D 50 -37.31 -22.89 -12.22
N THR D 51 -36.52 -23.40 -13.17
CA THR D 51 -37.03 -23.83 -14.48
C THR D 51 -38.17 -22.92 -14.97
N ASN D 52 -37.86 -21.63 -15.05
CA ASN D 52 -38.73 -20.61 -15.64
C ASN D 52 -39.93 -20.20 -14.80
N ASN D 53 -40.67 -21.16 -14.24
CA ASN D 53 -41.97 -20.81 -13.68
C ASN D 53 -42.37 -21.57 -12.43
N GLN D 54 -41.42 -22.29 -11.83
CA GLN D 54 -41.74 -23.09 -10.65
C GLN D 54 -41.36 -22.37 -9.36
N ARG D 55 -42.28 -22.31 -8.41
CA ARG D 55 -42.02 -21.65 -7.13
C ARG D 55 -41.57 -22.62 -6.05
N PRO D 56 -40.47 -22.33 -5.34
CA PRO D 56 -40.15 -23.05 -4.11
C PRO D 56 -41.28 -22.88 -3.09
N SER D 57 -41.45 -23.82 -2.17
CA SER D 57 -42.50 -23.72 -1.17
C SER D 57 -42.37 -22.44 -0.37
N GLY D 58 -43.50 -21.79 -0.09
CA GLY D 58 -43.51 -20.58 0.72
C GLY D 58 -43.33 -19.28 -0.05
N VAL D 59 -42.93 -19.36 -1.31
CA VAL D 59 -42.86 -18.18 -2.15
C VAL D 59 -44.27 -17.80 -2.61
N PRO D 60 -44.68 -16.54 -2.37
CA PRO D 60 -46.01 -16.04 -2.72
C PRO D 60 -46.42 -16.29 -4.17
N ASP D 61 -47.66 -16.71 -4.40
CA ASP D 61 -48.04 -17.06 -5.76
C ASP D 61 -48.30 -15.83 -6.62
N ARG D 62 -48.14 -14.63 -6.04
CA ARG D 62 -48.21 -13.43 -6.86
C ARG D 62 -46.98 -13.34 -7.77
N PHE D 63 -45.91 -14.05 -7.43
CA PHE D 63 -44.78 -14.22 -8.35
C PHE D 63 -45.01 -15.37 -9.34
N SER D 64 -44.88 -15.08 -10.63
CA SER D 64 -44.95 -16.13 -11.64
C SER D 64 -44.03 -15.77 -12.79
N GLY D 65 -43.69 -16.78 -13.58
CA GLY D 65 -42.67 -16.62 -14.59
C GLY D 65 -43.05 -17.27 -15.89
N SER D 66 -42.41 -16.83 -16.96
CA SER D 66 -42.65 -17.42 -18.28
C SER D 66 -41.40 -17.25 -19.11
N LYS D 67 -41.31 -18.04 -20.18
CA LYS D 67 -40.16 -17.95 -21.07
C LYS D 67 -40.67 -18.09 -22.48
N SER D 68 -40.08 -17.32 -23.39
CA SER D 68 -40.47 -17.36 -24.78
C SER D 68 -39.34 -16.85 -25.67
N GLY D 69 -39.03 -17.58 -26.73
CA GLY D 69 -38.00 -17.16 -27.65
C GLY D 69 -36.68 -17.14 -26.92
N THR D 70 -36.08 -15.95 -26.82
CA THR D 70 -34.83 -15.78 -26.08
C THR D 70 -35.00 -14.82 -24.92
N SER D 71 -36.22 -14.77 -24.38
CA SER D 71 -36.53 -13.89 -23.24
C SER D 71 -37.31 -14.62 -22.14
N ALA D 72 -37.10 -14.20 -20.91
CA ALA D 72 -37.89 -14.68 -19.79
C ALA D 72 -38.50 -13.50 -19.07
N SER D 73 -39.54 -13.74 -18.28
CA SER D 73 -40.13 -12.65 -17.53
C SER D 73 -40.62 -13.12 -16.18
N LEU D 74 -40.44 -12.24 -15.19
CA LEU D 74 -41.00 -12.42 -13.85
C LEU D 74 -42.14 -11.44 -13.60
N ALA D 75 -43.32 -11.96 -13.32
CA ALA D 75 -44.47 -11.13 -13.03
C ALA D 75 -44.68 -11.03 -11.53
N ILE D 76 -45.06 -9.84 -11.06
CA ILE D 76 -45.46 -9.68 -9.67
C ILE D 76 -46.91 -9.16 -9.67
N ASN D 77 -47.83 -10.06 -9.36
CA ASN D 77 -49.25 -9.81 -9.51
C ASN D 77 -49.87 -9.27 -8.22
N GLY D 78 -49.53 -8.03 -7.90
CA GLY D 78 -50.08 -7.36 -6.72
C GLY D 78 -48.95 -6.92 -5.81
N LEU D 79 -48.29 -5.81 -6.16
CA LEU D 79 -47.11 -5.34 -5.42
C LEU D 79 -47.39 -5.10 -3.94
N GLN D 80 -46.51 -5.61 -3.10
CA GLN D 80 -46.55 -5.34 -1.67
C GLN D 80 -45.28 -4.58 -1.34
N SER D 81 -45.26 -3.86 -0.22
CA SER D 81 -44.08 -3.07 0.12
C SER D 81 -42.82 -3.94 0.28
N GLU D 82 -42.99 -5.18 0.71
CA GLU D 82 -41.83 -6.05 0.93
C GLU D 82 -41.29 -6.64 -0.37
N ASP D 83 -41.93 -6.32 -1.50
CA ASP D 83 -41.39 -6.73 -2.79
C ASP D 83 -40.37 -5.71 -3.33
N GLU D 84 -40.19 -4.59 -2.63
CA GLU D 84 -39.16 -3.62 -3.02
C GLU D 84 -37.78 -4.23 -2.75
N ALA D 85 -37.02 -4.43 -3.82
CA ALA D 85 -35.85 -5.30 -3.82
C ALA D 85 -35.15 -5.26 -5.20
N ASP D 86 -33.97 -5.87 -5.28
CA ASP D 86 -33.32 -6.07 -6.58
C ASP D 86 -33.61 -7.49 -7.03
N TYR D 87 -33.92 -7.65 -8.32
CA TYR D 87 -34.25 -8.96 -8.89
C TYR D 87 -33.29 -9.32 -10.01
N TYR D 88 -32.79 -10.56 -9.99
CA TYR D 88 -31.86 -11.03 -11.02
C TYR D 88 -32.37 -12.31 -11.67
N CYS D 89 -32.37 -12.34 -12.99
CA CYS D 89 -32.59 -13.60 -13.72
C CYS D 89 -31.22 -14.26 -13.92
N ALA D 90 -31.20 -15.58 -14.05
CA ALA D 90 -29.94 -16.30 -14.25
C ALA D 90 -30.20 -17.54 -15.06
N VAL D 91 -29.23 -17.90 -15.90
CA VAL D 91 -29.35 -19.04 -16.78
C VAL D 91 -27.96 -19.60 -17.08
N TRP D 92 -27.87 -20.91 -17.30
CA TRP D 92 -26.63 -21.52 -17.75
C TRP D 92 -26.35 -21.12 -19.19
N ASP D 93 -25.07 -20.91 -19.51
CA ASP D 93 -24.65 -20.56 -20.86
C ASP D 93 -23.25 -21.07 -21.17
N ASP D 94 -23.03 -21.52 -22.40
CA ASP D 94 -21.70 -22.01 -22.77
C ASP D 94 -21.24 -21.56 -24.16
N SER D 95 -21.70 -20.38 -24.60
CA SER D 95 -21.23 -19.77 -25.84
C SER D 95 -19.70 -19.64 -25.82
N LEU D 96 -19.14 -19.37 -24.64
CA LEU D 96 -17.68 -19.42 -24.45
C LEU D 96 -17.30 -20.68 -23.63
N SER D 97 -17.69 -20.74 -22.37
CA SER D 97 -17.47 -21.93 -21.54
C SER D 97 -18.49 -21.97 -20.41
N GLY D 98 -18.91 -23.17 -20.02
CA GLY D 98 -20.01 -23.34 -19.08
C GLY D 98 -19.98 -22.51 -17.81
N ARG D 99 -21.09 -21.82 -17.54
CA ARG D 99 -21.23 -20.93 -16.39
C ARG D 99 -22.66 -20.41 -16.32
N TRP D 100 -23.11 -20.08 -15.11
CA TRP D 100 -24.32 -19.28 -14.94
C TRP D 100 -24.01 -17.85 -15.34
N VAL D 101 -24.88 -17.24 -16.13
CA VAL D 101 -24.75 -15.81 -16.39
C VAL D 101 -25.96 -15.12 -15.77
N PHE D 102 -25.73 -13.93 -15.20
CA PHE D 102 -26.80 -13.16 -14.55
C PHE D 102 -27.15 -11.89 -15.30
N GLY D 103 -28.41 -11.47 -15.21
CA GLY D 103 -28.80 -10.17 -15.72
C GLY D 103 -28.19 -9.09 -14.85
N GLY D 104 -28.27 -7.85 -15.30
CA GLY D 104 -27.71 -6.73 -14.53
C GLY D 104 -28.53 -6.30 -13.32
N GLY D 105 -29.72 -6.89 -13.18
CA GLY D 105 -30.55 -6.62 -12.03
C GLY D 105 -31.63 -5.59 -12.34
N THR D 106 -32.75 -5.72 -11.64
CA THR D 106 -33.85 -4.75 -11.72
C THR D 106 -34.26 -4.31 -10.33
N LYS D 107 -34.29 -3.01 -10.07
CA LYS D 107 -34.86 -2.54 -8.81
C LYS D 107 -36.37 -2.40 -8.99
N VAL D 108 -37.13 -3.06 -8.11
CA VAL D 108 -38.57 -2.86 -8.05
C VAL D 108 -38.90 -1.85 -6.96
N THR D 109 -39.59 -0.78 -7.34
CA THR D 109 -39.99 0.23 -6.36
C THR D 109 -41.51 0.26 -6.22
N VAL D 110 -41.99 0.24 -4.99
CA VAL D 110 -43.40 0.46 -4.73
C VAL D 110 -43.56 1.97 -4.62
N LEU D 111 -44.19 2.57 -5.63
CA LEU D 111 -44.20 4.03 -5.76
C LEU D 111 -44.93 4.74 -4.61
N ARG D 112 -44.25 5.71 -3.99
CA ARG D 112 -44.77 6.47 -2.86
C ARG D 112 -44.91 7.96 -3.18
N GLN D 113 -44.31 8.38 -4.29
CA GLN D 113 -44.39 9.77 -4.73
C GLN D 113 -44.21 9.82 -6.24
N PRO D 114 -44.49 10.96 -6.88
CA PRO D 114 -44.35 11.02 -8.34
C PRO D 114 -42.94 10.66 -8.81
N LYS D 115 -42.84 10.12 -10.02
CA LYS D 115 -41.53 9.90 -10.59
C LYS D 115 -40.89 11.25 -10.83
N ALA D 116 -39.56 11.30 -10.75
CA ALA D 116 -38.88 12.56 -10.99
C ALA D 116 -37.53 12.34 -11.65
N ALA D 117 -37.28 13.08 -12.72
CA ALA D 117 -36.03 12.97 -13.47
C ALA D 117 -34.88 13.57 -12.68
N PRO D 118 -33.68 13.02 -12.87
CA PRO D 118 -32.52 13.55 -12.14
C PRO D 118 -32.11 14.96 -12.56
N THR D 119 -31.58 15.70 -11.64
CA THR D 119 -30.86 16.89 -11.96
C THR D 119 -29.38 16.50 -12.02
N VAL D 120 -28.69 16.89 -13.08
CA VAL D 120 -27.33 16.44 -13.28
C VAL D 120 -26.42 17.64 -13.47
N THR D 121 -25.32 17.63 -12.72
CA THR D 121 -24.30 18.65 -12.87
C THR D 121 -22.96 17.95 -13.08
N LEU D 122 -22.25 18.37 -14.13
CA LEU D 122 -20.93 17.82 -14.44
C LEU D 122 -19.86 18.90 -14.32
N PHE D 123 -18.88 18.66 -13.46
CA PHE D 123 -17.74 19.55 -13.29
C PHE D 123 -16.49 19.00 -13.97
N PRO D 124 -15.73 19.87 -14.64
CA PRO D 124 -14.41 19.54 -15.20
C PRO D 124 -13.37 19.47 -14.08
N PRO D 125 -12.13 19.04 -14.39
CA PRO D 125 -11.08 19.17 -13.38
C PRO D 125 -10.81 20.64 -13.05
N SER D 126 -10.53 20.93 -11.79
CA SER D 126 -10.19 22.29 -11.38
C SER D 126 -8.83 22.69 -11.93
N SER D 127 -8.51 23.99 -11.91
CA SER D 127 -7.17 24.43 -12.29
C SER D 127 -6.14 23.89 -11.32
N GLU D 128 -6.53 23.76 -10.06
CA GLU D 128 -5.60 23.37 -9.00
C GLU D 128 -5.24 21.88 -9.07
N GLU D 129 -6.22 21.03 -9.33
CA GLU D 129 -5.96 19.60 -9.37
C GLU D 129 -5.07 19.27 -10.59
N LEU D 130 -5.24 20.02 -11.67
CA LEU D 130 -4.42 19.82 -12.87
C LEU D 130 -2.97 20.22 -12.58
N GLN D 131 -2.78 21.25 -11.77
CA GLN D 131 -1.44 21.66 -11.36
C GLN D 131 -0.81 20.61 -10.45
N ALA D 132 -1.63 19.74 -9.88
CA ALA D 132 -1.14 18.63 -9.07
C ALA D 132 -1.00 17.37 -9.91
N ASN D 133 -0.97 17.55 -11.23
CA ASN D 133 -0.83 16.46 -12.19
C ASN D 133 -1.95 15.41 -12.08
N LYS D 134 -3.16 15.87 -11.75
CA LYS D 134 -4.29 14.97 -11.60
C LYS D 134 -5.52 15.58 -12.25
N ALA D 135 -6.53 14.76 -12.47
CA ALA D 135 -7.77 15.24 -13.06
C ALA D 135 -8.92 14.33 -12.69
N THR D 136 -9.98 14.92 -12.16
CA THR D 136 -11.22 14.18 -11.88
C THR D 136 -12.41 14.92 -12.45
N LEU D 137 -13.23 14.22 -13.23
CA LEU D 137 -14.49 14.77 -13.68
C LEU D 137 -15.55 14.35 -12.69
N VAL D 138 -16.44 15.28 -12.35
CA VAL D 138 -17.38 15.01 -11.29
C VAL D 138 -18.81 15.11 -11.77
N CYS D 139 -19.51 13.97 -11.79
CA CYS D 139 -20.89 13.97 -12.23
C CYS D 139 -21.80 13.72 -11.03
N LEU D 140 -22.61 14.72 -10.69
CA LEU D 140 -23.49 14.66 -9.53
C LEU D 140 -24.95 14.61 -9.95
N ILE D 141 -25.70 13.71 -9.32
CA ILE D 141 -27.01 13.30 -9.79
C ILE D 141 -27.98 13.31 -8.62
N SER D 142 -29.01 14.16 -8.65
CA SER D 142 -29.86 14.27 -7.48
C SER D 142 -31.35 14.40 -7.78
N ASP D 143 -32.14 14.27 -6.73
CA ASP D 143 -33.59 14.47 -6.79
C ASP D 143 -34.30 13.51 -7.73
N PHE D 144 -33.78 12.32 -7.93
CA PHE D 144 -34.50 11.42 -8.84
C PHE D 144 -35.31 10.36 -8.09
N TYR D 145 -36.39 9.91 -8.73
CA TYR D 145 -37.26 8.89 -8.14
C TYR D 145 -38.02 8.19 -9.26
N PRO D 146 -38.04 6.85 -9.27
CA PRO D 146 -37.42 5.85 -8.40
C PRO D 146 -35.89 5.93 -8.31
N GLY D 147 -35.33 5.31 -7.29
CA GLY D 147 -33.90 5.36 -7.02
C GLY D 147 -33.02 4.40 -7.79
N ALA D 148 -33.02 4.55 -9.10
CA ALA D 148 -32.20 3.71 -9.97
C ALA D 148 -31.80 4.50 -11.19
N VAL D 149 -30.51 4.60 -11.43
CA VAL D 149 -29.99 5.29 -12.60
C VAL D 149 -28.87 4.44 -13.19
N THR D 150 -28.63 4.62 -14.48
CA THR D 150 -27.43 4.07 -15.09
C THR D 150 -26.60 5.24 -15.61
N VAL D 151 -25.31 5.24 -15.27
CA VAL D 151 -24.40 6.31 -15.65
C VAL D 151 -23.42 5.78 -16.70
N ALA D 152 -23.28 6.49 -17.81
CA ALA D 152 -22.29 6.16 -18.83
C ALA D 152 -21.47 7.40 -19.15
N TRP D 153 -20.16 7.22 -19.35
CA TRP D 153 -19.27 8.32 -19.70
C TRP D 153 -18.82 8.23 -21.15
N LYS D 154 -18.54 9.38 -21.74
CA LYS D 154 -17.99 9.43 -23.08
C LYS D 154 -16.79 10.34 -23.16
N ALA D 155 -15.75 9.86 -23.84
CA ALA D 155 -14.63 10.68 -24.23
C ALA D 155 -14.85 11.06 -25.69
N ASP D 156 -15.05 12.35 -25.95
CA ASP D 156 -15.58 12.79 -27.24
C ASP D 156 -16.89 12.01 -27.46
N SER D 157 -16.85 10.96 -28.29
CA SER D 157 -18.04 10.14 -28.54
C SER D 157 -17.83 8.65 -28.24
N SER D 158 -16.69 8.30 -27.68
CA SER D 158 -16.37 6.90 -27.37
C SER D 158 -16.65 6.57 -25.92
N PRO D 159 -17.21 5.38 -25.64
CA PRO D 159 -17.45 4.98 -24.24
C PRO D 159 -16.14 4.81 -23.48
N VAL D 160 -16.10 5.13 -22.19
CA VAL D 160 -14.84 5.08 -21.45
C VAL D 160 -14.68 3.84 -20.54
N LYS D 161 -15.56 3.73 -19.54
CA LYS D 161 -15.52 2.65 -18.54
C LYS D 161 -14.27 2.65 -17.61
N ALA D 162 -13.06 2.81 -18.17
CA ALA D 162 -11.86 2.83 -17.34
C ALA D 162 -11.76 4.12 -16.49
N GLY D 163 -11.48 3.96 -15.20
CA GLY D 163 -11.31 5.10 -14.31
C GLY D 163 -12.62 5.66 -13.76
N VAL D 164 -13.73 4.94 -13.98
CA VAL D 164 -15.03 5.39 -13.53
C VAL D 164 -15.42 4.75 -12.20
N GLU D 165 -15.94 5.54 -11.28
CA GLU D 165 -16.44 5.01 -10.02
C GLU D 165 -17.73 5.71 -9.65
N THR D 166 -18.78 4.92 -9.44
CA THR D 166 -20.12 5.44 -9.28
C THR D 166 -20.73 4.91 -7.99
N THR D 167 -21.42 5.78 -7.24
CA THR D 167 -22.08 5.33 -6.00
C THR D 167 -23.39 4.63 -6.31
N THR D 168 -23.85 3.84 -5.36
CA THR D 168 -25.23 3.40 -5.34
C THR D 168 -26.12 4.60 -4.97
N PRO D 169 -27.37 4.62 -5.46
CA PRO D 169 -28.27 5.70 -5.08
C PRO D 169 -28.51 5.69 -3.58
N SER D 170 -28.61 6.88 -3.01
CA SER D 170 -28.80 7.08 -1.59
C SER D 170 -30.00 7.99 -1.36
N LYS D 171 -30.79 7.71 -0.32
CA LYS D 171 -32.00 8.48 -0.07
C LYS D 171 -31.72 9.88 0.50
N GLN D 172 -32.32 10.89 -0.12
CA GLN D 172 -32.27 12.27 0.39
C GLN D 172 -33.33 12.46 1.46
N SER D 173 -33.36 13.65 2.07
CA SER D 173 -34.34 13.95 3.11
C SER D 173 -35.74 14.09 2.53
N ASN D 174 -35.83 14.37 1.23
CA ASN D 174 -37.15 14.48 0.61
C ASN D 174 -37.58 13.15 0.00
N ASN D 175 -36.86 12.10 0.38
CA ASN D 175 -37.08 10.72 -0.08
C ASN D 175 -36.84 10.48 -1.56
N LYS D 176 -36.33 11.47 -2.27
CA LYS D 176 -35.76 11.19 -3.59
C LYS D 176 -34.32 10.72 -3.38
N TYR D 177 -33.60 10.44 -4.48
CA TYR D 177 -32.28 9.84 -4.37
C TYR D 177 -31.18 10.70 -4.97
N ALA D 178 -29.96 10.47 -4.49
CA ALA D 178 -28.79 11.09 -5.05
C ALA D 178 -27.73 10.03 -5.36
N ALA D 179 -26.93 10.28 -6.39
CA ALA D 179 -25.76 9.47 -6.66
C ALA D 179 -24.68 10.35 -7.26
N SER D 180 -23.44 9.86 -7.28
CA SER D 180 -22.40 10.56 -8.00
C SER D 180 -21.52 9.59 -8.75
N SER D 181 -20.97 10.06 -9.87
CA SER D 181 -20.01 9.30 -10.64
C SER D 181 -18.75 10.16 -10.82
N TYR D 182 -17.59 9.52 -10.64
CA TYR D 182 -16.31 10.21 -10.81
C TYR D 182 -15.49 9.53 -11.90
N LEU D 183 -15.01 10.32 -12.85
CA LEU D 183 -14.12 9.78 -13.88
C LEU D 183 -12.72 10.31 -13.62
N SER D 184 -11.78 9.41 -13.35
CA SER D 184 -10.38 9.80 -13.18
C SER D 184 -9.66 9.77 -14.50
N LEU D 185 -9.02 10.88 -14.84
CA LEU D 185 -8.17 10.94 -16.02
C LEU D 185 -6.81 11.47 -15.65
N THR D 186 -5.83 11.18 -16.50
CA THR D 186 -4.61 11.94 -16.46
C THR D 186 -4.91 13.26 -17.14
N PRO D 187 -4.10 14.30 -16.88
CA PRO D 187 -4.11 15.38 -17.87
C PRO D 187 -3.56 14.81 -19.19
N GLU D 188 -3.35 15.65 -20.19
CA GLU D 188 -3.09 15.17 -21.57
C GLU D 188 -4.35 14.52 -22.11
N GLN D 189 -4.80 13.42 -21.52
CA GLN D 189 -6.02 12.80 -22.07
C GLN D 189 -7.21 13.69 -21.82
N TRP D 190 -7.23 14.42 -20.71
CA TRP D 190 -8.26 15.43 -20.51
C TRP D 190 -8.11 16.48 -21.60
N LYS D 191 -6.88 16.85 -21.90
CA LYS D 191 -6.66 17.95 -22.81
C LYS D 191 -6.61 17.51 -24.28
N SER D 192 -6.61 16.21 -24.54
CA SER D 192 -6.51 15.73 -25.93
C SER D 192 -7.86 15.31 -26.53
N HIS D 193 -8.93 15.39 -25.75
CA HIS D 193 -10.28 15.17 -26.28
C HIS D 193 -11.01 16.50 -26.42
N LYS D 194 -11.96 16.55 -27.35
CA LYS D 194 -12.75 17.76 -27.56
C LYS D 194 -13.69 17.99 -26.38
N SER D 195 -14.17 16.90 -25.80
CA SER D 195 -15.05 16.99 -24.66
C SER D 195 -15.21 15.65 -23.98
N TYR D 196 -15.75 15.68 -22.77
CA TYR D 196 -16.25 14.48 -22.12
C TYR D 196 -17.70 14.70 -21.76
N SER D 197 -18.48 13.62 -21.73
CA SER D 197 -19.86 13.70 -21.29
C SER D 197 -20.19 12.66 -20.22
N CYS D 198 -21.12 13.05 -19.35
CA CYS D 198 -21.72 12.17 -18.36
C CYS D 198 -23.17 11.95 -18.79
N GLN D 199 -23.54 10.70 -19.06
CA GLN D 199 -24.91 10.43 -19.52
C GLN D 199 -25.66 9.64 -18.47
N VAL D 200 -26.78 10.19 -17.99
CA VAL D 200 -27.52 9.55 -16.91
C VAL D 200 -28.87 9.08 -17.41
N THR D 201 -29.12 7.77 -17.36
CA THR D 201 -30.40 7.23 -17.82
C THR D 201 -31.30 6.90 -16.65
N HIS D 202 -32.54 7.38 -16.72
CA HIS D 202 -33.51 7.20 -15.65
C HIS D 202 -34.88 6.91 -16.25
N GLU D 203 -35.48 5.78 -15.88
CA GLU D 203 -36.77 5.39 -16.44
C GLU D 203 -36.75 5.41 -17.96
N GLY D 204 -35.66 4.93 -18.55
CA GLY D 204 -35.57 4.80 -19.99
C GLY D 204 -35.18 6.06 -20.76
N SER D 205 -35.03 7.18 -20.04
CA SER D 205 -34.72 8.46 -20.68
C SER D 205 -33.35 8.95 -20.24
N THR D 206 -32.53 9.36 -21.20
CA THR D 206 -31.15 9.71 -20.93
C THR D 206 -30.92 11.22 -20.99
N VAL D 207 -30.28 11.74 -19.96
CA VAL D 207 -29.89 13.13 -19.87
C VAL D 207 -28.37 13.18 -20.01
N GLU D 208 -27.86 14.17 -20.73
CA GLU D 208 -26.42 14.28 -20.94
C GLU D 208 -25.89 15.67 -20.58
N LYS D 209 -24.77 15.71 -19.87
CA LYS D 209 -24.03 16.94 -19.64
C LYS D 209 -22.62 16.76 -20.18
N THR D 210 -22.06 17.85 -20.71
CA THR D 210 -20.77 17.78 -21.39
C THR D 210 -19.88 18.93 -20.95
N VAL D 211 -18.60 18.65 -20.76
CA VAL D 211 -17.63 19.69 -20.42
C VAL D 211 -16.41 19.60 -21.34
N ALA D 212 -15.68 20.71 -21.49
CA ALA D 212 -14.54 20.76 -22.41
C ALA D 212 -13.42 21.67 -21.91
N PRO D 213 -12.20 21.51 -22.46
CA PRO D 213 -11.13 22.49 -22.24
C PRO D 213 -11.33 23.77 -23.03
#